data_8OQ1
#
_entry.id   8OQ1
#
_cell.length_a   77.394
_cell.length_b   77.394
_cell.length_c   228.536
_cell.angle_alpha   90.00
_cell.angle_beta   90.00
_cell.angle_gamma   120.00
#
_symmetry.space_group_name_H-M   'P 63'
#
loop_
_entity.id
_entity.type
_entity.pdbx_description
1 polymer 'Tail spike protein, structural depolymerase'
2 non-polymer DI(HYDROXYETHYL)ETHER
3 non-polymer GLYCEROL
4 non-polymer 'CHLORIDE ION'
5 water water
#
_entity_poly.entity_id   1
_entity_poly.type   'polypeptide(L)'
_entity_poly.pdbx_seq_one_letter_code
;GSDAAEEAAQVTRSADKVIDESGATQQELNNHSVQHVETVADLPTNAKDGAVLYVKGYYKPTNLALAKPYKGGSTRVYVA
QRKDEDDGFLCIRGWVLQSETSIYTPHMSGCLCDGTTDDTLNFDKLMYALEKNNIAGKVIINDDMFFNSQCPRIGKLIDP
VQFNEKNAIRLVSNVDLEINATLNFGPFFAGSSTQPRCNILSAMYREDVNDWYGKNRHENIKVYGTGTLDFTQTESPNAV
QDGYRWIIKASVKGMEVYGLTFKGGDFANAIQTSKTSEHIRIYGNTFSNLMSDKSLLHDHSTIYCIGKDIKVHDNVFEFT
NVKGRLNACACELHGSEQWFYKNVVRGYPNLVFSAILRTDQSLDENEVVYDQKAFDNTAFISRSALGYWSLANKSAKLRD
LEFYDNTVTFIEAPTLAQYTSAGVRGLQYPSDLSASVFTTWLEGDTVPNVNYLAEVLDHILMKGNTFTASTGILQNQLVS
IFRFVGCYVRENVKFIGNTVRVNTILNRDVSTGTTNDYFKGWVVTGNNYDFSMFRNQRHGLWIFLEYISGCVFDFNIKSR
FPTLDKTYNLVNFVLRDKSKVVDNTINIDPNGSYAVLDSWLGGDFLTYTATDMGGRNNHIQSVAFVYINETRRKDSVFAK
MGVQSGSIPPSVNMCSVIEYTNVMLGTVSYPVGFNKDYSAAYKLTATAIASQPFLDDETSDRFAYVHFKC
;
_entity_poly.pdbx_strand_id   A
#
# COMPACT_ATOMS: atom_id res chain seq x y z
N THR A 12 -6.00 -23.41 78.42
CA THR A 12 -5.48 -23.45 77.02
C THR A 12 -5.92 -24.75 76.31
N ARG A 13 -7.19 -24.85 75.89
CA ARG A 13 -7.80 -26.08 75.31
C ARG A 13 -7.60 -26.10 73.78
N SER A 14 -7.43 -27.33 73.25
CA SER A 14 -7.44 -27.74 71.82
C SER A 14 -8.68 -27.20 71.10
N ALA A 15 -8.52 -26.77 69.84
CA ALA A 15 -9.63 -26.34 68.94
C ALA A 15 -10.53 -27.54 68.63
N ASP A 16 -9.92 -28.74 68.51
CA ASP A 16 -10.55 -30.10 68.53
C ASP A 16 -11.57 -30.27 69.69
N LYS A 17 -11.37 -29.59 70.84
CA LYS A 17 -12.23 -29.70 72.07
C LYS A 17 -13.37 -28.65 72.06
N VAL A 18 -13.39 -27.66 71.15
CA VAL A 18 -14.48 -26.64 71.07
C VAL A 18 -15.50 -27.13 70.04
N ILE A 19 -16.81 -27.02 70.33
CA ILE A 19 -17.93 -27.68 69.57
C ILE A 19 -18.98 -26.62 69.16
N ASP A 20 -19.48 -26.73 67.93
CA ASP A 20 -20.35 -25.76 67.22
C ASP A 20 -21.81 -26.22 67.35
N GLU A 21 -22.78 -25.28 67.36
CA GLU A 21 -24.25 -25.49 67.24
C GLU A 21 -24.63 -26.43 66.07
N SER A 22 -23.68 -26.81 65.19
CA SER A 22 -23.79 -27.86 64.13
C SER A 22 -23.29 -29.23 64.60
N GLY A 23 -22.69 -29.32 65.79
CA GLY A 23 -21.82 -30.42 66.22
C GLY A 23 -20.62 -30.66 65.31
N ALA A 24 -19.66 -29.72 65.26
CA ALA A 24 -18.36 -29.90 64.57
C ALA A 24 -17.31 -29.19 65.40
N THR A 25 -16.07 -29.69 65.36
CA THR A 25 -14.96 -29.10 66.14
C THR A 25 -14.69 -27.72 65.55
N GLN A 26 -14.35 -26.74 66.39
CA GLN A 26 -13.65 -25.54 65.90
C GLN A 26 -12.53 -25.95 64.96
N GLN A 27 -11.80 -27.04 65.21
CA GLN A 27 -10.71 -27.51 64.34
C GLN A 27 -11.28 -27.88 62.95
N GLU A 28 -12.40 -28.63 62.89
CA GLU A 28 -13.01 -29.04 61.59
C GLU A 28 -13.43 -27.76 60.85
N LEU A 29 -14.05 -26.78 61.55
CA LEU A 29 -14.47 -25.48 60.97
C LEU A 29 -13.26 -24.69 60.47
N ASN A 30 -12.20 -24.59 61.27
CA ASN A 30 -10.97 -23.83 60.89
C ASN A 30 -10.35 -24.41 59.62
N ASN A 31 -10.38 -25.71 59.43
CA ASN A 31 -9.86 -26.34 58.19
C ASN A 31 -10.70 -25.93 56.97
N HIS A 32 -11.97 -25.54 57.17
CA HIS A 32 -12.92 -25.20 56.07
C HIS A 32 -13.18 -23.69 55.99
N SER A 33 -12.39 -22.84 56.65
CA SER A 33 -12.63 -21.39 56.64
C SER A 33 -11.86 -20.79 55.46
N VAL A 34 -12.54 -19.99 54.63
CA VAL A 34 -11.76 -19.11 53.73
C VAL A 34 -11.01 -18.07 54.60
N GLN A 35 -9.67 -18.09 54.57
CA GLN A 35 -8.76 -17.18 55.30
C GLN A 35 -8.11 -16.18 54.32
N HIS A 36 -7.47 -15.15 54.86
CA HIS A 36 -6.80 -14.08 54.08
C HIS A 36 -5.40 -13.80 54.60
N VAL A 37 -4.58 -13.31 53.69
CA VAL A 37 -3.24 -12.80 53.92
C VAL A 37 -3.14 -11.54 53.08
N GLU A 38 -2.13 -10.76 53.36
CA GLU A 38 -2.03 -9.42 52.72
C GLU A 38 -1.49 -9.56 51.30
N THR A 39 -0.45 -10.34 51.10
CA THR A 39 0.38 -10.32 49.88
C THR A 39 0.88 -11.71 49.52
N VAL A 40 1.33 -11.90 48.29
CA VAL A 40 1.80 -13.26 47.91
C VAL A 40 2.99 -13.65 48.79
N ALA A 41 3.81 -12.71 49.24
CA ALA A 41 4.97 -12.97 50.14
C ALA A 41 4.48 -13.67 51.42
N ASP A 42 3.24 -13.41 51.81
CA ASP A 42 2.63 -13.86 53.08
C ASP A 42 2.04 -15.23 52.92
N LEU A 43 2.07 -15.84 51.73
CA LEU A 43 1.54 -17.21 51.49
C LEU A 43 2.29 -18.13 52.45
N PRO A 44 1.63 -18.80 53.42
CA PRO A 44 2.37 -19.55 54.43
C PRO A 44 2.85 -20.90 53.84
N THR A 45 3.92 -21.49 54.41
CA THR A 45 4.67 -22.65 53.85
C THR A 45 4.27 -23.99 54.51
N ASN A 46 3.30 -24.02 55.41
CA ASN A 46 2.89 -25.29 56.08
C ASN A 46 1.38 -25.23 56.35
N ALA A 47 0.61 -25.10 55.28
CA ALA A 47 -0.88 -25.09 55.38
C ALA A 47 -1.38 -26.49 55.04
N LYS A 48 -2.62 -26.82 55.42
CA LYS A 48 -3.28 -28.12 55.12
C LYS A 48 -3.39 -28.21 53.60
N ASP A 49 -3.08 -29.36 52.97
CA ASP A 49 -3.47 -29.58 51.55
C ASP A 49 -4.97 -29.21 51.43
N GLY A 50 -5.35 -28.48 50.36
CA GLY A 50 -6.74 -28.03 50.14
C GLY A 50 -7.08 -26.71 50.87
N ALA A 51 -6.20 -26.07 51.61
CA ALA A 51 -6.48 -24.77 52.26
C ALA A 51 -6.84 -23.71 51.20
N VAL A 52 -7.75 -22.80 51.53
CA VAL A 52 -8.10 -21.59 50.70
C VAL A 52 -7.67 -20.27 51.38
N LEU A 53 -6.96 -19.41 50.62
CA LEU A 53 -6.61 -18.02 51.01
C LEU A 53 -7.13 -17.01 49.96
N TYR A 54 -7.80 -15.97 50.42
CA TYR A 54 -7.90 -14.67 49.69
C TYR A 54 -6.61 -13.91 49.94
N VAL A 55 -5.83 -13.62 48.90
CA VAL A 55 -4.62 -12.76 49.01
C VAL A 55 -5.08 -11.37 48.60
N LYS A 56 -5.03 -10.38 49.47
CA LYS A 56 -5.65 -9.05 49.19
C LYS A 56 -4.97 -8.34 48.01
N GLY A 57 -3.64 -8.39 47.93
CA GLY A 57 -2.87 -7.75 46.85
C GLY A 57 -1.61 -8.51 46.51
N TYR A 58 -1.02 -8.30 45.35
CA TYR A 58 0.24 -9.01 45.01
C TYR A 58 1.37 -8.54 45.97
N TYR A 59 1.58 -7.25 45.99
CA TYR A 59 2.49 -6.54 46.88
C TYR A 59 1.68 -5.80 47.91
N LYS A 60 2.35 -5.26 48.94
CA LYS A 60 1.69 -4.35 49.93
C LYS A 60 1.10 -3.19 49.15
N PRO A 61 0.02 -2.51 49.65
CA PRO A 61 -0.42 -1.27 49.02
C PRO A 61 0.68 -0.21 49.07
N THR A 62 0.86 0.50 47.96
CA THR A 62 1.78 1.67 47.86
C THR A 62 1.15 2.83 48.62
N ASN A 63 -0.18 2.98 48.64
CA ASN A 63 -0.83 4.13 49.31
C ASN A 63 -2.30 3.80 49.62
N LEU A 64 -2.61 3.61 50.91
CA LEU A 64 -3.96 3.22 51.39
C LEU A 64 -4.98 4.36 51.21
N ALA A 65 -4.56 5.61 50.95
CA ALA A 65 -5.46 6.76 50.72
C ALA A 65 -6.15 6.65 49.35
N LEU A 66 -5.57 6.01 48.34
CA LEU A 66 -6.08 6.03 46.92
C LEU A 66 -7.16 4.94 46.67
N ALA A 67 -7.89 5.03 45.54
CA ALA A 67 -9.17 4.32 45.29
C ALA A 67 -9.03 2.78 45.23
N LYS A 68 -7.91 2.27 44.71
CA LYS A 68 -7.67 0.83 44.50
C LYS A 68 -6.37 0.48 45.20
N PRO A 69 -6.36 0.49 46.56
CA PRO A 69 -5.12 0.29 47.29
C PRO A 69 -4.45 -1.06 47.05
N TYR A 70 -5.28 -2.10 46.95
CA TYR A 70 -4.90 -3.51 46.77
C TYR A 70 -5.01 -3.84 45.29
N LYS A 71 -3.92 -4.30 44.66
CA LYS A 71 -3.87 -4.68 43.23
C LYS A 71 -3.33 -6.12 43.12
N GLY A 72 -3.82 -6.88 42.16
CA GLY A 72 -3.38 -8.26 41.85
C GLY A 72 -3.70 -9.19 43.00
N GLY A 73 -4.80 -8.93 43.71
CA GLY A 73 -5.40 -9.85 44.68
C GLY A 73 -5.82 -11.10 43.96
N SER A 74 -5.95 -12.19 44.68
CA SER A 74 -6.23 -13.54 44.11
C SER A 74 -6.88 -14.41 45.17
N THR A 75 -7.65 -15.39 44.73
CA THR A 75 -8.08 -16.50 45.56
C THR A 75 -7.25 -17.70 45.12
N ARG A 76 -6.72 -18.45 46.08
CA ARG A 76 -5.79 -19.56 45.77
C ARG A 76 -6.10 -20.75 46.65
N VAL A 77 -5.89 -21.95 46.09
CA VAL A 77 -6.04 -23.22 46.83
C VAL A 77 -4.63 -23.79 46.92
N TYR A 78 -4.24 -24.31 48.10
CA TYR A 78 -2.93 -24.93 48.30
C TYR A 78 -3.04 -26.35 47.73
N VAL A 79 -2.12 -26.72 46.82
CA VAL A 79 -1.99 -28.08 46.25
C VAL A 79 -0.61 -28.56 46.71
N ALA A 80 -0.53 -29.22 47.85
CA ALA A 80 0.72 -29.62 48.53
C ALA A 80 1.71 -30.24 47.54
N GLN A 81 1.25 -31.09 46.61
CA GLN A 81 2.09 -31.79 45.60
C GLN A 81 2.72 -30.78 44.61
N ARG A 82 2.33 -29.50 44.57
CA ARG A 82 2.98 -28.50 43.68
C ARG A 82 3.65 -27.44 44.52
N LYS A 83 3.97 -27.73 45.79
CA LYS A 83 4.42 -26.68 46.74
C LYS A 83 5.75 -26.05 46.32
N ASP A 84 6.53 -26.68 45.45
CA ASP A 84 7.85 -26.16 45.04
C ASP A 84 7.75 -25.38 43.72
N GLU A 85 6.62 -25.51 43.02
CA GLU A 85 6.38 -24.78 41.74
C GLU A 85 6.06 -23.34 42.09
N ASP A 86 6.80 -22.37 41.56
CA ASP A 86 6.56 -20.92 41.76
C ASP A 86 6.79 -20.19 40.43
N ASP A 87 5.72 -19.96 39.72
CA ASP A 87 5.77 -19.21 38.43
C ASP A 87 5.38 -17.75 38.68
N GLY A 88 5.17 -17.39 39.93
CA GLY A 88 4.73 -16.04 40.34
C GLY A 88 3.37 -15.65 39.78
N PHE A 89 2.57 -16.61 39.29
CA PHE A 89 1.24 -16.32 38.70
C PHE A 89 0.26 -17.45 38.98
N LEU A 90 0.23 -18.52 38.17
CA LEU A 90 -0.82 -19.57 38.29
C LEU A 90 -0.57 -20.42 39.56
N CYS A 91 0.67 -20.57 39.96
CA CYS A 91 1.05 -21.44 41.11
C CYS A 91 2.22 -20.80 41.86
N ILE A 92 1.98 -20.29 43.07
CA ILE A 92 3.03 -19.69 43.90
C ILE A 92 3.20 -20.65 45.06
N ARG A 93 4.29 -21.40 45.01
CA ARG A 93 4.66 -22.33 46.13
C ARG A 93 3.45 -23.19 46.50
N GLY A 94 2.85 -23.79 45.46
CA GLY A 94 1.65 -24.65 45.49
C GLY A 94 0.32 -23.95 45.69
N TRP A 95 0.23 -22.64 45.84
CA TRP A 95 -1.04 -21.94 45.97
C TRP A 95 -1.53 -21.63 44.55
N VAL A 96 -2.61 -22.29 44.15
CA VAL A 96 -2.98 -22.30 42.71
C VAL A 96 -4.07 -21.26 42.53
N LEU A 97 -3.88 -20.43 41.49
CA LEU A 97 -4.76 -19.26 41.25
C LEU A 97 -6.09 -19.79 40.76
N GLN A 98 -7.19 -19.30 41.33
CA GLN A 98 -8.60 -19.60 40.92
C GLN A 98 -9.12 -18.49 40.00
N SER A 99 -9.39 -18.79 38.73
CA SER A 99 -9.91 -17.83 37.73
C SER A 99 -10.74 -18.59 36.71
N GLU A 100 -12.03 -18.81 37.01
CA GLU A 100 -12.96 -19.60 36.16
C GLU A 100 -13.03 -19.06 34.72
N THR A 101 -13.20 -17.75 34.53
CA THR A 101 -13.43 -17.20 33.15
C THR A 101 -12.08 -16.97 32.46
N SER A 102 -10.95 -17.21 33.10
CA SER A 102 -9.60 -17.05 32.49
C SER A 102 -9.43 -15.61 32.02
N ILE A 103 -9.76 -14.67 32.87
CA ILE A 103 -9.58 -13.23 32.62
C ILE A 103 -8.55 -12.76 33.64
N TYR A 104 -7.41 -12.24 33.17
CA TYR A 104 -6.25 -11.93 34.02
C TYR A 104 -5.79 -10.50 33.81
N THR A 105 -5.12 -9.97 34.77
CA THR A 105 -4.45 -8.66 34.67
C THR A 105 -2.98 -8.77 34.99
N PRO A 106 -2.16 -7.83 34.50
CA PRO A 106 -0.72 -7.86 34.81
C PRO A 106 -0.39 -7.73 36.31
N HIS A 107 -1.23 -7.03 37.08
CA HIS A 107 -1.02 -7.01 38.54
C HIS A 107 -0.96 -8.43 39.07
N MET A 108 -1.69 -9.39 38.47
CA MET A 108 -1.84 -10.69 39.13
C MET A 108 -0.55 -11.54 39.02
N SER A 109 0.44 -11.12 38.19
CA SER A 109 1.79 -11.76 38.03
C SER A 109 2.89 -10.87 38.60
N GLY A 110 2.52 -9.82 39.32
CA GLY A 110 3.43 -8.89 39.99
C GLY A 110 3.92 -7.75 39.15
N CYS A 111 3.21 -7.46 38.05
CA CYS A 111 3.49 -6.20 37.34
C CYS A 111 3.04 -5.07 38.27
N LEU A 112 3.83 -4.00 38.30
CA LEU A 112 3.46 -2.76 39.05
C LEU A 112 2.45 -1.91 38.29
N CYS A 113 2.62 -1.75 36.96
CA CYS A 113 1.70 -0.96 36.09
C CYS A 113 1.61 0.47 36.59
N ASP A 114 2.79 1.03 36.87
CA ASP A 114 2.96 2.44 37.33
C ASP A 114 3.44 3.31 36.17
N GLY A 115 3.66 2.72 34.98
CA GLY A 115 4.05 3.42 33.74
C GLY A 115 5.53 3.70 33.66
N THR A 116 6.30 3.43 34.73
CA THR A 116 7.76 3.70 34.80
C THR A 116 8.60 2.49 35.27
N THR A 117 8.09 1.55 36.08
CA THR A 117 8.82 0.31 36.42
C THR A 117 8.81 -0.65 35.21
N ASP A 118 9.98 -1.19 34.85
CA ASP A 118 10.13 -2.22 33.78
C ASP A 118 9.39 -3.46 34.19
N ASP A 119 8.24 -3.68 33.57
CA ASP A 119 7.37 -4.85 33.83
C ASP A 119 7.58 -5.98 32.87
N THR A 120 8.68 -5.99 32.10
CA THR A 120 8.85 -7.05 31.09
C THR A 120 8.81 -8.46 31.73
N LEU A 121 9.64 -8.69 32.74
CA LEU A 121 9.77 -10.04 33.34
C LEU A 121 8.46 -10.52 33.96
N ASN A 122 7.86 -9.70 34.76
CA ASN A 122 6.66 -10.08 35.54
C ASN A 122 5.51 -10.24 34.54
N PHE A 123 5.50 -9.51 33.41
CA PHE A 123 4.41 -9.66 32.42
C PHE A 123 4.63 -10.99 31.71
N ASP A 124 5.89 -11.34 31.47
CA ASP A 124 6.10 -12.65 30.80
C ASP A 124 5.74 -13.82 31.74
N LYS A 125 5.76 -13.63 33.03
CA LYS A 125 5.32 -14.73 33.91
C LYS A 125 3.84 -15.04 33.63
N LEU A 126 3.03 -14.04 33.26
CA LEU A 126 1.62 -14.25 32.91
C LEU A 126 1.60 -14.91 31.55
N MET A 127 2.25 -14.30 30.55
CA MET A 127 2.01 -14.73 29.16
C MET A 127 2.56 -16.14 28.96
N TYR A 128 3.78 -16.41 29.49
CA TYR A 128 4.43 -17.72 29.34
C TYR A 128 3.61 -18.80 30.03
N ALA A 129 3.05 -18.51 31.21
CA ALA A 129 2.11 -19.44 31.89
C ALA A 129 0.96 -19.81 30.97
N LEU A 130 0.36 -18.85 30.28
CA LEU A 130 -0.84 -19.19 29.45
C LEU A 130 -0.33 -19.99 28.24
N GLU A 131 0.83 -19.62 27.69
CA GLU A 131 1.42 -20.38 26.55
C GLU A 131 1.67 -21.84 26.95
N LYS A 132 2.42 -22.00 28.03
CA LYS A 132 3.02 -23.31 28.47
C LYS A 132 1.85 -24.25 28.80
N ASN A 133 0.73 -23.71 29.29
CA ASN A 133 -0.41 -24.55 29.74
C ASN A 133 -1.54 -24.56 28.73
N ASN A 134 -1.38 -23.99 27.53
CA ASN A 134 -2.44 -23.96 26.49
C ASN A 134 -3.72 -23.42 27.09
N ILE A 135 -3.63 -22.29 27.77
CA ILE A 135 -4.83 -21.68 28.35
C ILE A 135 -5.38 -20.62 27.36
N ALA A 136 -6.65 -20.75 26.99
CA ALA A 136 -7.39 -19.72 26.24
C ALA A 136 -7.91 -18.74 27.29
N GLY A 137 -7.77 -17.44 27.06
CA GLY A 137 -8.39 -16.45 27.93
C GLY A 137 -8.13 -15.06 27.46
N LYS A 138 -8.12 -14.13 28.38
CA LYS A 138 -8.05 -12.67 28.14
C LYS A 138 -7.13 -12.10 29.19
N VAL A 139 -6.26 -11.23 28.73
CA VAL A 139 -5.41 -10.33 29.57
C VAL A 139 -5.83 -8.89 29.36
N ILE A 140 -6.34 -8.29 30.40
CA ILE A 140 -6.82 -6.90 30.36
C ILE A 140 -5.77 -5.98 30.96
N ILE A 141 -5.36 -5.00 30.20
CA ILE A 141 -4.46 -3.90 30.70
C ILE A 141 -5.21 -2.56 30.85
N ASN A 142 -5.43 -2.20 32.11
CA ASN A 142 -6.17 -0.94 32.48
C ASN A 142 -5.28 0.12 33.09
N ASP A 143 -4.00 -0.16 33.25
CA ASP A 143 -3.07 0.79 33.87
C ASP A 143 -1.84 0.82 33.01
N ASP A 144 -1.20 1.96 32.99
CA ASP A 144 -0.01 2.20 32.14
C ASP A 144 1.12 1.28 32.54
N MET A 145 1.87 0.82 31.55
CA MET A 145 3.06 -0.04 31.78
C MET A 145 4.27 0.49 31.02
N PHE A 146 5.43 0.05 31.51
CA PHE A 146 6.77 0.27 30.87
C PHE A 146 7.46 -1.05 30.60
N PHE A 147 8.01 -1.16 29.41
CA PHE A 147 8.83 -2.30 28.99
C PHE A 147 10.18 -1.78 28.56
N ASN A 148 11.23 -2.40 29.06
CA ASN A 148 12.60 -1.92 28.79
C ASN A 148 13.67 -3.00 28.91
N SER A 149 13.31 -4.25 28.62
CA SER A 149 14.28 -5.35 28.65
C SER A 149 13.75 -6.50 27.84
N GLN A 150 14.61 -7.47 27.58
CA GLN A 150 14.27 -8.61 26.69
C GLN A 150 13.30 -9.54 27.37
N CYS A 151 12.22 -9.88 26.68
CA CYS A 151 11.23 -10.87 27.15
C CYS A 151 11.91 -12.23 27.12
N PRO A 152 11.89 -13.04 28.21
CA PRO A 152 12.66 -14.29 28.22
C PRO A 152 12.54 -15.15 26.98
N ARG A 153 13.66 -15.66 26.46
CA ARG A 153 13.64 -16.44 25.22
C ARG A 153 13.42 -17.91 25.56
N ILE A 154 12.25 -18.23 26.05
CA ILE A 154 11.84 -19.62 26.40
C ILE A 154 10.51 -19.93 25.74
N GLY A 155 10.21 -21.22 25.61
CA GLY A 155 8.97 -21.64 24.96
C GLY A 155 8.99 -21.22 23.50
N LYS A 156 7.93 -20.53 23.04
CA LYS A 156 7.82 -20.11 21.61
C LYS A 156 8.64 -18.83 21.35
N LEU A 157 9.36 -18.31 22.32
CA LEU A 157 10.29 -17.16 22.12
C LEU A 157 11.76 -17.59 22.10
N ILE A 158 12.04 -18.87 22.02
CA ILE A 158 13.42 -19.37 21.74
C ILE A 158 13.85 -18.79 20.38
N ASP A 159 15.17 -18.49 20.23
CA ASP A 159 15.69 -17.90 18.99
C ASP A 159 16.71 -18.78 18.29
N PRO A 160 16.32 -19.98 17.84
CA PRO A 160 17.29 -20.93 17.30
C PRO A 160 17.90 -20.48 15.99
N VAL A 161 17.23 -19.60 15.25
CA VAL A 161 17.80 -19.04 13.99
C VAL A 161 18.85 -17.98 14.34
N GLN A 162 18.75 -17.39 15.52
CA GLN A 162 19.70 -16.39 16.08
C GLN A 162 19.56 -15.07 15.33
N PHE A 163 18.35 -14.66 15.03
CA PHE A 163 18.03 -13.31 14.47
C PHE A 163 18.25 -12.21 15.51
N ASN A 164 18.16 -12.53 16.79
CA ASN A 164 18.47 -11.59 17.85
C ASN A 164 17.53 -10.38 17.75
N GLU A 165 16.25 -10.64 17.45
CA GLU A 165 15.19 -9.58 17.49
C GLU A 165 14.90 -9.25 18.94
N LYS A 166 14.90 -7.96 19.33
CA LYS A 166 14.50 -7.56 20.67
C LYS A 166 12.98 -7.68 20.79
N ASN A 167 12.49 -8.30 21.86
CA ASN A 167 11.06 -8.57 22.09
C ASN A 167 10.69 -8.00 23.42
N ALA A 168 9.53 -7.36 23.58
CA ALA A 168 9.00 -6.96 24.90
C ALA A 168 7.89 -7.92 25.42
N ILE A 169 7.05 -8.42 24.54
CA ILE A 169 5.77 -9.09 24.87
C ILE A 169 5.65 -10.40 24.07
N ARG A 170 5.32 -11.41 24.78
CA ARG A 170 4.95 -12.74 24.21
C ARG A 170 3.46 -12.75 23.87
N LEU A 171 3.11 -12.70 22.60
CA LEU A 171 1.71 -12.99 22.20
C LEU A 171 1.47 -14.51 22.28
N VAL A 172 0.24 -14.87 22.58
CA VAL A 172 -0.16 -16.28 22.84
C VAL A 172 -1.42 -16.65 22.06
N SER A 173 -1.36 -17.83 21.44
CA SER A 173 -2.53 -18.41 20.73
C SER A 173 -3.71 -18.46 21.69
N ASN A 174 -4.90 -18.00 21.25
CA ASN A 174 -6.21 -18.15 21.92
C ASN A 174 -6.24 -17.22 23.14
N VAL A 175 -5.38 -16.20 23.19
CA VAL A 175 -5.41 -15.16 24.24
C VAL A 175 -5.72 -13.82 23.56
N ASP A 176 -6.69 -13.14 24.15
CA ASP A 176 -7.08 -11.75 23.83
C ASP A 176 -6.17 -10.89 24.69
N LEU A 177 -5.40 -10.05 24.08
CA LEU A 177 -4.68 -9.01 24.79
C LEU A 177 -5.45 -7.68 24.64
N GLU A 178 -6.08 -7.28 25.72
CA GLU A 178 -6.96 -6.09 25.76
C GLU A 178 -6.17 -4.92 26.38
N ILE A 179 -5.74 -4.00 25.53
CA ILE A 179 -4.82 -2.93 26.00
C ILE A 179 -5.68 -1.68 26.07
N ASN A 180 -5.99 -1.24 27.30
CA ASN A 180 -6.84 -0.03 27.53
C ASN A 180 -6.07 1.07 28.26
N ALA A 181 -4.75 1.07 28.22
CA ALA A 181 -3.89 2.06 28.86
C ALA A 181 -2.71 2.25 27.92
N THR A 182 -1.77 3.09 28.33
CA THR A 182 -0.57 3.35 27.49
C THR A 182 0.55 2.35 27.85
N LEU A 183 1.04 1.61 26.86
CA LEU A 183 2.27 0.78 26.97
C LEU A 183 3.39 1.67 26.45
N ASN A 184 4.33 1.96 27.33
CA ASN A 184 5.56 2.70 26.96
C ASN A 184 6.73 1.77 26.76
N PHE A 185 7.35 1.87 25.62
CA PHE A 185 8.56 1.04 25.30
C PHE A 185 9.80 1.91 25.43
N GLY A 186 10.78 1.43 26.20
CA GLY A 186 11.95 2.26 26.52
C GLY A 186 13.19 2.05 25.64
N PRO A 187 14.24 2.83 26.02
CA PRO A 187 15.43 2.92 25.21
C PRO A 187 16.18 1.62 24.96
N PHE A 188 15.96 0.56 25.76
CA PHE A 188 16.43 -0.81 25.44
C PHE A 188 16.14 -1.19 23.96
N PHE A 189 14.99 -0.80 23.46
CA PHE A 189 14.44 -1.26 22.17
C PHE A 189 14.91 -0.38 21.03
N ALA A 190 15.73 0.62 21.31
CA ALA A 190 16.33 1.41 20.25
C ALA A 190 17.22 0.52 19.39
N GLY A 191 17.18 0.71 18.07
CA GLY A 191 18.06 0.01 17.14
C GLY A 191 19.49 0.41 17.35
N SER A 192 20.41 -0.48 16.99
CA SER A 192 21.88 -0.19 16.97
C SER A 192 22.51 -0.96 15.81
N SER A 193 23.76 -0.64 15.42
CA SER A 193 24.48 -1.39 14.37
C SER A 193 24.69 -2.84 14.82
N THR A 194 24.94 -3.05 16.11
CA THR A 194 25.25 -4.35 16.73
C THR A 194 24.01 -5.23 16.89
N GLN A 195 22.85 -4.67 17.16
CA GLN A 195 21.60 -5.43 17.35
C GLN A 195 20.50 -4.64 16.66
N PRO A 196 20.40 -4.72 15.32
CA PRO A 196 19.55 -3.79 14.59
C PRO A 196 18.08 -4.20 14.64
N ARG A 197 17.77 -5.44 15.06
CA ARG A 197 16.43 -6.06 14.79
C ARG A 197 15.50 -6.02 16.00
N CYS A 198 14.16 -5.98 15.76
CA CYS A 198 13.19 -5.96 16.85
C CYS A 198 11.87 -6.54 16.35
N ASN A 199 11.15 -7.08 17.29
CA ASN A 199 9.76 -7.62 17.07
C ASN A 199 9.05 -7.43 18.40
N ILE A 200 8.47 -6.26 18.64
CA ILE A 200 8.16 -5.85 20.03
C ILE A 200 7.15 -6.80 20.67
N LEU A 201 6.03 -7.05 20.00
CA LEU A 201 5.00 -8.00 20.49
C LEU A 201 5.05 -9.16 19.52
N SER A 202 5.68 -10.23 19.92
CA SER A 202 6.08 -11.33 18.99
C SER A 202 4.98 -12.39 18.89
N ALA A 203 4.54 -12.67 17.69
CA ALA A 203 3.75 -13.91 17.40
C ALA A 203 4.48 -14.71 16.38
N MET A 204 5.77 -14.88 16.60
CA MET A 204 6.72 -15.56 15.66
C MET A 204 7.44 -16.71 16.37
N TYR A 205 6.91 -17.92 16.21
CA TYR A 205 7.56 -19.16 16.75
C TYR A 205 8.41 -19.81 15.67
N ARG A 206 9.71 -19.92 15.94
CA ARG A 206 10.72 -20.58 15.10
C ARG A 206 11.29 -21.73 15.92
N GLU A 207 10.97 -22.94 15.48
CA GLU A 207 11.22 -24.20 16.25
C GLU A 207 12.68 -24.66 16.14
N ASP A 208 13.31 -24.46 15.03
CA ASP A 208 14.75 -24.80 14.88
C ASP A 208 15.49 -23.83 13.99
N VAL A 209 16.80 -24.08 13.88
CA VAL A 209 17.71 -23.20 13.12
C VAL A 209 17.21 -23.02 11.66
N ASN A 210 16.47 -23.95 11.05
CA ASN A 210 16.03 -23.91 9.62
C ASN A 210 14.67 -23.21 9.48
N ASP A 211 13.98 -22.95 10.56
CA ASP A 211 12.54 -22.57 10.56
C ASP A 211 12.48 -21.02 10.54
N TRP A 212 12.87 -20.44 9.41
CA TRP A 212 13.06 -18.97 9.34
C TRP A 212 11.69 -18.27 9.36
N TYR A 213 10.63 -18.94 8.89
CA TYR A 213 9.34 -18.24 8.61
C TYR A 213 8.19 -18.78 9.47
N GLY A 214 8.50 -19.50 10.55
CA GLY A 214 7.46 -19.82 11.55
C GLY A 214 6.50 -20.89 11.04
N LYS A 215 6.98 -22.11 10.72
CA LYS A 215 6.08 -23.13 10.11
C LYS A 215 4.92 -23.53 11.03
N ASN A 216 5.11 -23.49 12.34
CA ASN A 216 4.11 -23.81 13.37
C ASN A 216 3.36 -22.51 13.70
N ARG A 217 2.34 -22.26 12.90
CA ARG A 217 1.60 -20.98 13.02
C ARG A 217 0.93 -20.86 14.39
N HIS A 218 0.89 -19.65 14.96
CA HIS A 218 0.02 -19.34 16.11
C HIS A 218 -1.41 -19.39 15.58
N GLU A 219 -2.36 -19.37 16.45
CA GLU A 219 -3.79 -19.44 16.08
C GLU A 219 -4.51 -18.44 16.98
N ASN A 220 -5.42 -17.67 16.42
CA ASN A 220 -6.42 -16.85 17.15
C ASN A 220 -5.69 -15.89 18.10
N ILE A 221 -4.84 -15.07 17.54
CA ILE A 221 -4.14 -13.90 18.18
C ILE A 221 -5.12 -12.73 18.08
N LYS A 222 -5.45 -12.14 19.19
CA LYS A 222 -6.22 -10.89 19.23
C LYS A 222 -5.47 -9.83 20.07
N VAL A 223 -5.15 -8.70 19.46
CA VAL A 223 -4.54 -7.54 20.11
C VAL A 223 -5.47 -6.35 19.88
N TYR A 224 -6.07 -5.82 20.92
CA TYR A 224 -7.07 -4.77 20.70
C TYR A 224 -7.19 -3.89 21.92
N GLY A 225 -7.97 -2.86 21.77
CA GLY A 225 -8.43 -2.03 22.90
C GLY A 225 -8.42 -0.58 22.59
N THR A 226 -8.60 0.25 23.58
CA THR A 226 -8.71 1.72 23.41
C THR A 226 -7.38 2.39 23.74
N GLY A 227 -6.33 1.63 24.00
CA GLY A 227 -5.09 2.23 24.47
C GLY A 227 -4.13 2.58 23.39
N THR A 228 -2.91 2.80 23.83
CA THR A 228 -1.84 3.38 23.03
C THR A 228 -0.57 2.57 23.26
N LEU A 229 0.13 2.30 22.20
CA LEU A 229 1.52 1.74 22.27
C LEU A 229 2.47 2.85 21.82
N ASP A 230 3.22 3.35 22.75
CA ASP A 230 4.12 4.54 22.58
C ASP A 230 5.57 4.09 22.50
N PHE A 231 6.14 4.27 21.35
CA PHE A 231 7.55 3.87 21.05
C PHE A 231 8.43 5.09 20.96
N THR A 232 7.99 6.26 21.43
CA THR A 232 8.85 7.49 21.39
C THR A 232 10.22 7.25 21.99
N GLN A 233 10.28 6.63 23.18
CA GLN A 233 11.50 6.45 23.95
C GLN A 233 12.43 5.41 23.28
N THR A 234 11.98 4.69 22.24
CA THR A 234 12.83 3.75 21.47
C THR A 234 13.52 4.45 20.30
N GLU A 235 13.27 5.73 20.02
CA GLU A 235 13.76 6.43 18.84
C GLU A 235 15.25 6.75 19.10
N SER A 236 16.06 6.49 18.11
CA SER A 236 17.53 6.66 18.29
C SER A 236 18.20 7.06 17.01
N PRO A 237 19.19 8.02 17.03
CA PRO A 237 20.01 8.23 15.87
C PRO A 237 20.79 6.96 15.54
N ASN A 238 20.96 6.07 16.49
CA ASN A 238 21.78 4.84 16.24
C ASN A 238 21.04 3.78 15.44
N ALA A 239 19.72 3.88 15.27
CA ALA A 239 18.97 2.81 14.65
C ALA A 239 19.24 2.83 13.16
N VAL A 240 19.57 1.69 12.61
CA VAL A 240 19.91 1.51 11.17
C VAL A 240 18.75 0.82 10.45
N GLN A 241 18.67 1.02 9.14
CA GLN A 241 17.70 0.25 8.35
C GLN A 241 17.97 -1.24 8.48
N ASP A 242 16.91 -1.96 8.80
CA ASP A 242 16.89 -3.44 8.74
C ASP A 242 15.43 -3.78 8.42
N GLY A 243 15.17 -4.78 7.58
CA GLY A 243 13.81 -5.22 7.31
C GLY A 243 13.20 -5.79 8.58
N TYR A 244 14.01 -6.32 9.50
CA TYR A 244 13.58 -7.03 10.73
C TYR A 244 13.37 -6.01 11.83
N ARG A 245 12.46 -5.03 11.67
CA ARG A 245 12.09 -4.06 12.71
C ARG A 245 10.57 -3.86 12.71
N TRP A 246 9.96 -4.47 13.69
CA TRP A 246 8.49 -4.62 13.67
C TRP A 246 7.92 -4.33 15.02
N ILE A 247 6.70 -3.83 15.05
CA ILE A 247 5.87 -3.81 16.26
C ILE A 247 5.29 -5.21 16.45
N ILE A 248 4.77 -5.79 15.41
CA ILE A 248 4.25 -7.20 15.45
C ILE A 248 4.72 -7.92 14.24
N LYS A 249 5.51 -8.99 14.42
CA LYS A 249 5.87 -9.95 13.36
C LYS A 249 5.14 -11.23 13.75
N ALA A 250 4.20 -11.68 12.94
CA ALA A 250 3.38 -12.87 13.23
C ALA A 250 3.58 -13.92 12.16
N SER A 251 3.56 -15.17 12.60
CA SER A 251 3.25 -16.38 11.79
C SER A 251 1.99 -16.98 12.36
N VAL A 252 0.90 -16.82 11.67
CA VAL A 252 -0.42 -16.94 12.35
C VAL A 252 -1.49 -17.40 11.38
N LYS A 253 -2.48 -18.09 11.94
CA LYS A 253 -3.79 -18.40 11.33
C LYS A 253 -4.79 -17.70 12.20
N GLY A 254 -5.35 -16.64 11.74
CA GLY A 254 -6.44 -16.02 12.53
C GLY A 254 -5.84 -15.01 13.49
N MET A 255 -5.68 -13.80 13.02
CA MET A 255 -5.20 -12.69 13.89
C MET A 255 -6.04 -11.47 13.68
N GLU A 256 -6.29 -10.77 14.75
CA GLU A 256 -7.01 -9.49 14.68
C GLU A 256 -6.27 -8.46 15.49
N VAL A 257 -6.00 -7.33 14.92
CA VAL A 257 -5.38 -6.18 15.63
C VAL A 257 -6.30 -4.98 15.41
N TYR A 258 -6.92 -4.46 16.45
CA TYR A 258 -7.96 -3.43 16.29
C TYR A 258 -8.06 -2.44 17.45
N GLY A 259 -8.38 -1.25 17.03
CA GLY A 259 -8.74 -0.18 17.98
C GLY A 259 -7.63 0.69 18.50
N LEU A 260 -6.40 0.30 18.29
CA LEU A 260 -5.23 0.77 19.07
C LEU A 260 -4.53 1.92 18.38
N THR A 261 -3.89 2.76 19.16
CA THR A 261 -2.97 3.76 18.63
C THR A 261 -1.50 3.28 18.76
N PHE A 262 -0.77 3.37 17.68
CA PHE A 262 0.68 3.02 17.64
C PHE A 262 1.40 4.33 17.31
N LYS A 263 2.41 4.72 18.09
CA LYS A 263 3.07 6.01 17.78
C LYS A 263 4.54 6.01 18.09
N GLY A 264 5.28 6.62 17.21
CA GLY A 264 6.75 6.84 17.41
C GLY A 264 7.50 5.60 17.04
N GLY A 265 8.81 5.68 17.26
CA GLY A 265 9.77 4.57 17.05
C GLY A 265 10.39 4.56 15.69
N ASP A 266 11.19 3.51 15.43
CA ASP A 266 11.93 3.32 14.18
C ASP A 266 11.58 1.91 13.68
N PHE A 267 10.45 1.77 12.95
CA PHE A 267 10.07 0.40 12.42
C PHE A 267 10.15 0.39 10.89
N ALA A 268 10.56 -0.75 10.33
CA ALA A 268 10.43 -1.02 8.89
C ALA A 268 8.96 -1.26 8.56
N ASN A 269 8.25 -1.97 9.41
CA ASN A 269 6.76 -2.13 9.36
C ASN A 269 6.19 -2.10 10.75
N ALA A 270 4.97 -1.58 10.89
CA ALA A 270 4.27 -1.82 12.15
C ALA A 270 3.95 -3.33 12.24
N ILE A 271 3.30 -3.92 11.24
CA ILE A 271 2.80 -5.32 11.31
C ILE A 271 3.24 -6.05 10.08
N GLN A 272 3.94 -7.19 10.20
CA GLN A 272 4.24 -8.03 9.07
C GLN A 272 3.78 -9.45 9.40
N THR A 273 3.25 -10.16 8.48
CA THR A 273 2.80 -11.57 8.63
C THR A 273 3.86 -12.42 8.00
N SER A 274 3.62 -13.73 7.80
CA SER A 274 4.66 -14.68 7.29
C SER A 274 4.11 -15.51 6.16
N LYS A 275 5.01 -16.24 5.53
CA LYS A 275 4.76 -16.97 4.26
C LYS A 275 3.41 -17.67 4.29
N THR A 276 3.11 -18.41 5.35
CA THR A 276 1.96 -19.36 5.35
C THR A 276 0.79 -18.78 6.15
N SER A 277 0.86 -17.52 6.54
CA SER A 277 -0.14 -16.87 7.39
C SER A 277 -1.48 -16.73 6.67
N GLU A 278 -2.53 -16.79 7.44
CA GLU A 278 -3.88 -16.64 6.85
C GLU A 278 -4.83 -15.94 7.86
N HIS A 279 -5.79 -15.33 7.27
CA HIS A 279 -6.98 -14.77 7.99
C HIS A 279 -6.51 -13.75 9.01
N ILE A 280 -6.02 -12.67 8.51
CA ILE A 280 -5.60 -11.51 9.35
C ILE A 280 -6.51 -10.32 9.10
N ARG A 281 -6.88 -9.72 10.17
CA ARG A 281 -7.73 -8.52 10.14
C ARG A 281 -7.14 -7.35 10.93
N ILE A 282 -6.89 -6.28 10.24
CA ILE A 282 -6.18 -5.13 10.87
C ILE A 282 -7.05 -3.86 10.68
N TYR A 283 -7.71 -3.42 11.71
CA TYR A 283 -8.78 -2.39 11.55
C TYR A 283 -8.96 -1.47 12.76
N GLY A 284 -9.43 -0.25 12.54
CA GLY A 284 -9.74 0.74 13.58
C GLY A 284 -8.54 1.27 14.32
N ASN A 285 -7.35 1.10 13.76
CA ASN A 285 -6.11 1.56 14.45
C ASN A 285 -5.67 2.89 13.92
N THR A 286 -4.78 3.52 14.70
CA THR A 286 -4.05 4.72 14.32
C THR A 286 -2.57 4.40 14.28
N PHE A 287 -1.93 4.66 13.16
CA PHE A 287 -0.48 4.43 12.98
C PHE A 287 0.13 5.80 12.78
N SER A 288 0.90 6.25 13.73
CA SER A 288 1.41 7.68 13.73
C SER A 288 2.90 7.72 13.84
N ASN A 289 3.63 8.19 12.83
CA ASN A 289 5.07 8.53 12.94
C ASN A 289 5.91 7.34 13.39
N LEU A 290 5.74 6.19 12.69
CA LEU A 290 6.37 4.93 13.07
C LEU A 290 7.82 4.79 12.59
N MET A 291 8.40 5.88 12.07
CA MET A 291 9.82 5.93 11.62
C MET A 291 10.26 7.36 11.93
N SER A 292 11.32 7.53 12.72
CA SER A 292 11.72 8.88 13.19
C SER A 292 12.53 9.56 12.11
N ASP A 293 12.58 10.88 12.23
CA ASP A 293 13.42 11.78 11.39
C ASP A 293 14.92 11.48 11.58
N LYS A 294 15.36 11.22 12.80
CA LYS A 294 16.77 11.39 13.17
C LYS A 294 17.46 10.04 13.14
N SER A 295 16.76 8.94 12.96
CA SER A 295 17.43 7.61 12.82
C SER A 295 18.06 7.52 11.44
N LEU A 296 18.81 6.39 11.20
CA LEU A 296 19.34 6.12 9.83
C LEU A 296 18.35 5.20 9.05
N LEU A 297 17.12 4.96 9.56
CA LEU A 297 16.12 4.22 8.69
C LEU A 297 15.76 5.11 7.48
N HIS A 298 15.44 4.52 6.34
CA HIS A 298 15.10 5.27 5.13
C HIS A 298 13.90 4.72 4.36
N ASP A 299 13.21 3.78 4.94
CA ASP A 299 12.11 3.05 4.27
C ASP A 299 11.18 2.55 5.33
N HIS A 300 9.88 2.75 5.08
CA HIS A 300 8.87 2.25 6.03
C HIS A 300 7.60 1.87 5.23
N SER A 301 7.08 0.71 5.46
CA SER A 301 5.71 0.32 4.94
C SER A 301 4.88 -0.11 6.13
N THR A 302 3.76 0.53 6.44
CA THR A 302 3.14 0.34 7.75
C THR A 302 2.73 -1.14 7.88
N ILE A 303 2.03 -1.63 6.91
CA ILE A 303 1.51 -3.03 6.95
C ILE A 303 2.17 -3.77 5.82
N TYR A 304 2.66 -4.95 6.08
CA TYR A 304 3.36 -5.76 5.08
C TYR A 304 2.70 -7.12 5.03
N CYS A 305 1.79 -7.31 4.07
CA CYS A 305 0.83 -8.43 4.06
C CYS A 305 1.42 -9.65 3.38
N ILE A 306 1.83 -10.61 4.15
CA ILE A 306 2.30 -11.93 3.61
C ILE A 306 1.24 -12.99 3.94
N GLY A 307 0.92 -13.80 2.94
CA GLY A 307 0.09 -15.01 3.01
C GLY A 307 -1.27 -14.73 2.38
N LYS A 308 -2.30 -15.23 2.94
CA LYS A 308 -3.64 -15.17 2.28
C LYS A 308 -4.71 -14.66 3.23
N ASP A 309 -5.72 -14.01 2.67
CA ASP A 309 -6.96 -13.56 3.34
C ASP A 309 -6.58 -12.57 4.45
N ILE A 310 -6.19 -11.43 4.02
CA ILE A 310 -5.72 -10.29 4.87
C ILE A 310 -6.50 -9.07 4.49
N LYS A 311 -7.10 -8.52 5.48
CA LYS A 311 -7.95 -7.33 5.31
C LYS A 311 -7.48 -6.20 6.23
N VAL A 312 -7.20 -5.13 5.62
CA VAL A 312 -6.63 -3.92 6.26
C VAL A 312 -7.60 -2.76 6.05
N HIS A 313 -8.35 -2.38 7.03
CA HIS A 313 -9.46 -1.43 6.82
C HIS A 313 -9.67 -0.44 7.96
N ASP A 314 -10.30 0.68 7.65
CA ASP A 314 -10.79 1.65 8.69
C ASP A 314 -9.65 2.02 9.64
N ASN A 315 -8.44 2.12 9.12
CA ASN A 315 -7.26 2.60 9.86
C ASN A 315 -6.90 4.00 9.46
N VAL A 316 -6.19 4.68 10.33
CA VAL A 316 -5.65 6.04 10.11
C VAL A 316 -4.18 5.78 10.00
N PHE A 317 -3.60 6.17 8.91
CA PHE A 317 -2.12 6.17 8.73
C PHE A 317 -1.67 7.64 8.68
N GLU A 318 -0.64 8.01 9.40
CA GLU A 318 -0.19 9.40 9.37
C GLU A 318 1.30 9.52 9.63
N PHE A 319 1.93 10.31 8.78
CA PHE A 319 3.22 10.91 9.11
C PHE A 319 3.03 12.43 9.22
N THR A 320 3.38 12.97 10.36
CA THR A 320 3.45 14.46 10.54
C THR A 320 4.91 14.89 10.63
N ASN A 321 5.83 13.94 10.78
CA ASN A 321 7.27 14.26 10.70
C ASN A 321 7.69 14.50 9.24
N VAL A 322 8.99 14.77 8.97
CA VAL A 322 9.39 15.04 7.56
C VAL A 322 9.68 13.66 6.89
N LYS A 323 10.50 12.81 7.49
CA LYS A 323 11.10 11.67 6.77
C LYS A 323 9.95 10.78 6.24
N GLY A 324 8.94 10.47 7.04
CA GLY A 324 7.80 9.65 6.54
C GLY A 324 7.00 10.35 5.47
N ARG A 325 7.02 11.72 5.44
CA ARG A 325 6.49 12.47 4.28
C ARG A 325 7.38 12.51 3.06
N LEU A 326 8.56 11.85 3.13
CA LEU A 326 9.46 11.73 1.97
C LEU A 326 9.73 10.31 1.50
N ASN A 327 9.57 9.29 2.32
CA ASN A 327 9.62 7.91 1.82
C ASN A 327 8.89 7.01 2.77
N ALA A 328 7.67 6.60 2.41
CA ALA A 328 6.92 5.63 3.21
C ALA A 328 5.71 5.25 2.39
N CYS A 329 5.23 4.04 2.65
CA CYS A 329 4.02 3.42 2.04
C CYS A 329 3.12 2.93 3.14
N ALA A 330 1.78 3.08 2.99
CA ALA A 330 0.90 2.61 4.02
C ALA A 330 0.79 1.08 4.02
N CYS A 331 0.71 0.45 2.93
CA CYS A 331 0.43 -1.00 2.86
C CYS A 331 1.07 -1.69 1.65
N GLU A 332 1.76 -2.80 1.88
CA GLU A 332 2.26 -3.64 0.77
C GLU A 332 1.46 -4.94 0.73
N LEU A 333 0.96 -5.25 -0.45
CA LEU A 333 0.16 -6.48 -0.70
C LEU A 333 1.09 -7.51 -1.37
N HIS A 334 1.48 -8.51 -0.61
CA HIS A 334 2.47 -9.54 -1.10
C HIS A 334 1.86 -10.86 -1.48
N GLY A 335 0.57 -11.02 -1.38
CA GLY A 335 -0.03 -12.34 -1.65
C GLY A 335 -1.51 -12.16 -1.96
N SER A 336 -2.19 -13.30 -1.93
CA SER A 336 -3.53 -13.39 -2.48
C SER A 336 -4.65 -13.09 -1.48
N GLU A 337 -5.81 -12.68 -1.95
CA GLU A 337 -6.97 -12.39 -1.08
C GLU A 337 -6.61 -11.31 -0.04
N GLN A 338 -6.08 -10.24 -0.53
CA GLN A 338 -5.56 -9.12 0.32
C GLN A 338 -6.25 -7.84 -0.04
N TRP A 339 -7.00 -7.30 0.88
CA TRP A 339 -7.80 -6.09 0.63
C TRP A 339 -7.38 -4.94 1.57
N PHE A 340 -7.33 -3.81 0.98
CA PHE A 340 -6.94 -2.54 1.67
C PHE A 340 -7.99 -1.52 1.44
N TYR A 341 -8.83 -1.23 2.39
CA TYR A 341 -10.10 -0.51 2.08
C TYR A 341 -10.59 0.36 3.23
N LYS A 342 -11.15 1.49 2.88
CA LYS A 342 -11.78 2.42 3.86
C LYS A 342 -10.76 3.00 4.86
N ASN A 343 -9.51 3.10 4.45
CA ASN A 343 -8.46 3.73 5.26
C ASN A 343 -8.36 5.21 4.91
N VAL A 344 -7.70 5.93 5.78
CA VAL A 344 -7.17 7.29 5.49
C VAL A 344 -5.70 7.26 5.64
N VAL A 345 -5.02 7.88 4.69
CA VAL A 345 -3.56 7.95 4.60
C VAL A 345 -3.17 9.43 4.49
N ARG A 346 -2.51 9.97 5.49
CA ARG A 346 -2.18 11.39 5.63
C ARG A 346 -0.67 11.53 5.40
N GLY A 347 -0.23 12.05 4.28
CA GLY A 347 1.19 12.58 4.21
C GLY A 347 2.17 11.59 3.68
N TYR A 348 1.78 10.33 3.56
CA TYR A 348 2.69 9.31 3.00
C TYR A 348 3.00 9.63 1.56
N PRO A 349 4.23 9.35 1.02
CA PRO A 349 4.39 9.44 -0.41
C PRO A 349 3.52 8.43 -1.17
N ASN A 350 3.47 7.25 -0.64
CA ASN A 350 2.83 6.09 -1.28
C ASN A 350 1.68 5.53 -0.52
N LEU A 351 0.59 5.34 -1.21
CA LEU A 351 -0.61 4.70 -0.68
C LEU A 351 -0.46 3.18 -0.56
N VAL A 352 -0.49 2.49 -1.63
CA VAL A 352 -0.45 0.99 -1.59
C VAL A 352 0.54 0.47 -2.66
N PHE A 353 1.22 -0.58 -2.29
CA PHE A 353 2.07 -1.36 -3.19
C PHE A 353 1.47 -2.76 -3.42
N SER A 354 1.44 -3.15 -4.66
CA SER A 354 1.27 -4.57 -5.05
C SER A 354 2.70 -5.11 -5.28
N ALA A 355 3.22 -5.90 -4.38
CA ALA A 355 4.64 -6.38 -4.47
C ALA A 355 4.62 -7.88 -4.68
N ILE A 356 4.99 -8.33 -5.88
CA ILE A 356 4.96 -9.77 -6.29
C ILE A 356 6.43 -10.26 -6.29
N LEU A 357 6.87 -10.68 -5.11
CA LEU A 357 8.29 -11.06 -4.91
C LEU A 357 8.36 -12.59 -4.81
N ARG A 358 9.08 -13.15 -5.78
CA ARG A 358 9.31 -14.61 -5.85
C ARG A 358 10.55 -14.86 -4.99
N THR A 359 10.35 -15.09 -3.71
CA THR A 359 11.43 -15.07 -2.69
C THR A 359 10.98 -15.99 -1.57
N ASP A 360 11.90 -16.60 -0.80
CA ASP A 360 11.49 -17.70 0.11
C ASP A 360 10.60 -17.18 1.24
N GLN A 361 10.70 -15.90 1.61
CA GLN A 361 9.82 -15.38 2.69
C GLN A 361 8.37 -15.26 2.21
N SER A 362 8.13 -15.27 0.89
CA SER A 362 6.75 -15.14 0.36
C SER A 362 6.47 -16.15 -0.78
N LEU A 363 6.52 -15.73 -2.06
CA LEU A 363 5.89 -16.46 -3.14
C LEU A 363 6.83 -17.53 -3.65
N ASP A 364 6.25 -18.70 -3.91
CA ASP A 364 6.95 -19.87 -4.45
C ASP A 364 7.20 -19.60 -5.92
N GLU A 365 8.12 -20.37 -6.48
CA GLU A 365 8.25 -20.50 -7.94
C GLU A 365 6.86 -20.76 -8.57
N ASN A 366 6.55 -20.01 -9.62
CA ASN A 366 5.34 -20.17 -10.47
C ASN A 366 4.08 -19.74 -9.74
N GLU A 367 4.17 -19.16 -8.54
CA GLU A 367 2.96 -18.84 -7.77
C GLU A 367 2.22 -17.68 -8.48
N VAL A 368 0.89 -17.78 -8.61
CA VAL A 368 0.08 -16.70 -9.23
C VAL A 368 -0.77 -16.04 -8.14
N VAL A 369 -0.59 -14.74 -7.96
CA VAL A 369 -1.31 -13.95 -6.93
C VAL A 369 -2.64 -13.45 -7.48
N TYR A 370 -3.67 -13.62 -6.68
CA TYR A 370 -5.05 -13.26 -7.09
C TYR A 370 -5.72 -12.45 -5.98
N ASP A 371 -6.74 -11.72 -6.35
CA ASP A 371 -7.70 -11.04 -5.47
C ASP A 371 -6.95 -10.04 -4.55
N GLN A 372 -6.24 -9.14 -5.14
CA GLN A 372 -5.75 -7.96 -4.41
C GLN A 372 -6.66 -6.81 -4.71
N LYS A 373 -7.24 -6.23 -3.73
CA LYS A 373 -8.27 -5.15 -3.91
C LYS A 373 -7.90 -3.97 -3.05
N ALA A 374 -8.04 -2.77 -3.55
CA ALA A 374 -7.87 -1.53 -2.76
C ALA A 374 -8.95 -0.49 -3.09
N PHE A 375 -9.87 -0.25 -2.16
CA PHE A 375 -11.10 0.52 -2.47
C PHE A 375 -11.62 1.34 -1.29
N ASP A 376 -12.20 2.45 -1.62
CA ASP A 376 -12.90 3.39 -0.72
C ASP A 376 -11.87 4.07 0.20
N ASN A 377 -10.57 4.10 -0.15
CA ASN A 377 -9.56 4.80 0.67
C ASN A 377 -9.59 6.29 0.36
N THR A 378 -9.27 7.09 1.34
CA THR A 378 -8.77 8.48 1.19
C THR A 378 -7.25 8.55 1.31
N ALA A 379 -6.62 9.23 0.41
CA ALA A 379 -5.18 9.46 0.50
C ALA A 379 -4.82 10.89 0.22
N PHE A 380 -3.99 11.48 1.08
CA PHE A 380 -3.32 12.79 0.82
C PHE A 380 -1.83 12.46 0.74
N ILE A 381 -1.34 12.29 -0.47
CA ILE A 381 -0.04 11.62 -0.74
C ILE A 381 0.72 12.44 -1.75
N SER A 382 2.04 12.30 -1.81
CA SER A 382 2.88 13.14 -2.67
C SER A 382 3.59 12.37 -3.78
N ARG A 383 3.43 11.05 -3.90
CA ARG A 383 4.25 10.32 -4.86
C ARG A 383 3.45 9.29 -5.69
N SER A 384 2.80 8.33 -5.12
CA SER A 384 2.20 7.24 -5.88
C SER A 384 0.91 6.74 -5.25
N ALA A 385 -0.18 6.64 -5.96
CA ALA A 385 -1.42 5.99 -5.43
C ALA A 385 -1.27 4.45 -5.45
N LEU A 386 -0.78 3.89 -6.52
CA LEU A 386 -0.62 2.41 -6.71
C LEU A 386 0.77 2.12 -7.28
N GLY A 387 1.55 1.37 -6.56
CA GLY A 387 2.92 1.00 -6.97
C GLY A 387 2.86 -0.49 -7.27
N TYR A 388 3.40 -0.93 -8.37
CA TYR A 388 3.55 -2.38 -8.71
C TYR A 388 5.06 -2.66 -8.76
N TRP A 389 5.46 -3.60 -7.94
CA TRP A 389 6.85 -4.13 -7.82
C TRP A 389 6.91 -5.60 -8.12
N SER A 390 8.11 -6.08 -8.55
CA SER A 390 8.51 -7.50 -8.65
C SER A 390 10.02 -7.54 -8.63
N LEU A 391 10.56 -8.73 -8.47
CA LEU A 391 11.95 -9.01 -8.88
C LEU A 391 12.00 -9.05 -10.41
N ALA A 392 13.19 -8.85 -10.97
CA ALA A 392 13.40 -8.98 -12.43
C ALA A 392 13.61 -10.49 -12.76
N ASN A 393 12.98 -10.94 -13.83
CA ASN A 393 13.20 -12.25 -14.48
C ASN A 393 12.85 -13.44 -13.57
N LYS A 394 11.75 -13.39 -12.82
CA LYS A 394 11.35 -14.50 -11.93
C LYS A 394 9.96 -15.04 -12.35
N SER A 395 9.49 -16.06 -11.66
CA SER A 395 8.41 -16.95 -12.18
C SER A 395 7.06 -16.64 -11.55
N ALA A 396 7.01 -15.71 -10.57
CA ALA A 396 5.74 -15.34 -9.89
C ALA A 396 5.04 -14.36 -10.77
N LYS A 397 3.72 -14.43 -10.75
CA LYS A 397 2.88 -13.59 -11.65
C LYS A 397 1.68 -13.06 -10.85
N LEU A 398 1.13 -11.96 -11.32
CA LEU A 398 -0.11 -11.35 -10.76
C LEU A 398 -1.26 -11.67 -11.68
N ARG A 399 -2.35 -12.23 -11.16
CA ARG A 399 -3.54 -12.47 -11.99
C ARG A 399 -4.32 -11.15 -12.03
N ASP A 400 -4.68 -10.66 -10.87
CA ASP A 400 -5.62 -9.52 -10.84
C ASP A 400 -5.36 -8.63 -9.63
N LEU A 401 -5.44 -7.37 -9.88
CA LEU A 401 -5.43 -6.30 -8.83
C LEU A 401 -6.51 -5.29 -9.18
N GLU A 402 -7.39 -4.99 -8.25
CA GLU A 402 -8.47 -4.03 -8.52
C GLU A 402 -8.28 -2.86 -7.58
N PHE A 403 -8.23 -1.72 -8.12
CA PHE A 403 -7.98 -0.43 -7.40
C PHE A 403 -9.08 0.54 -7.81
N TYR A 404 -10.03 0.70 -6.96
CA TYR A 404 -11.33 1.31 -7.33
C TYR A 404 -11.87 2.19 -6.22
N ASP A 405 -12.59 3.21 -6.62
CA ASP A 405 -13.39 4.08 -5.69
C ASP A 405 -12.51 4.69 -4.60
N ASN A 406 -11.22 4.95 -4.92
CA ASN A 406 -10.31 5.68 -4.02
C ASN A 406 -10.35 7.15 -4.31
N THR A 407 -10.19 7.93 -3.26
CA THR A 407 -10.25 9.36 -3.37
C THR A 407 -8.83 9.82 -3.04
N VAL A 408 -8.16 10.28 -4.03
CA VAL A 408 -6.69 10.58 -3.90
C VAL A 408 -6.42 12.02 -4.21
N THR A 409 -5.70 12.68 -3.32
CA THR A 409 -5.25 14.04 -3.59
C THR A 409 -3.73 14.00 -3.54
N PHE A 410 -3.11 14.46 -4.61
CA PHE A 410 -1.63 14.61 -4.62
C PHE A 410 -1.22 15.98 -4.06
N ILE A 411 -0.50 15.97 -2.93
CA ILE A 411 -0.01 17.17 -2.21
C ILE A 411 1.50 17.26 -2.33
N GLU A 412 2.05 18.45 -2.16
CA GLU A 412 3.50 18.64 -2.20
C GLU A 412 4.17 18.02 -0.96
N ALA A 413 5.37 17.46 -1.20
CA ALA A 413 6.24 16.90 -0.18
C ALA A 413 6.86 18.06 0.56
N PRO A 414 7.32 17.83 1.79
CA PRO A 414 8.10 18.80 2.51
C PRO A 414 9.33 19.25 1.73
N THR A 415 9.74 20.52 2.03
CA THR A 415 10.90 21.18 1.39
C THR A 415 12.23 20.68 1.98
N LEU A 416 13.29 20.99 1.23
CA LEU A 416 14.69 20.74 1.71
C LEU A 416 14.93 21.51 3.01
N ALA A 417 14.37 22.73 3.14
CA ALA A 417 14.46 23.49 4.42
C ALA A 417 13.80 22.73 5.56
N GLN A 418 12.58 22.19 5.34
CA GLN A 418 11.90 21.41 6.39
C GLN A 418 12.70 20.13 6.73
N TYR A 419 13.28 19.52 5.73
CA TYR A 419 14.14 18.31 5.95
C TYR A 419 15.28 18.60 6.90
N THR A 420 15.95 19.74 6.66
CA THR A 420 17.16 20.17 7.45
C THR A 420 16.74 20.68 8.81
N SER A 421 15.61 21.45 8.95
CA SER A 421 15.06 21.88 10.22
C SER A 421 14.70 20.75 11.15
N ALA A 422 14.29 19.59 10.55
CA ALA A 422 13.83 18.40 11.30
C ALA A 422 14.99 17.44 11.60
N GLY A 423 16.20 17.71 11.13
CA GLY A 423 17.38 16.83 11.36
C GLY A 423 17.13 15.46 10.73
N VAL A 424 16.54 15.44 9.53
CA VAL A 424 16.33 14.09 8.89
C VAL A 424 17.72 13.48 8.62
N ARG A 425 17.93 12.20 8.96
CA ARG A 425 19.15 11.43 8.60
C ARG A 425 18.69 10.18 7.86
N GLY A 426 19.58 9.39 7.31
CA GLY A 426 19.22 8.06 6.79
C GLY A 426 18.80 8.18 5.33
N LEU A 427 17.75 8.94 5.11
CA LEU A 427 17.10 9.23 3.80
C LEU A 427 17.67 10.46 3.14
N GLN A 428 18.19 10.31 1.92
CA GLN A 428 18.57 11.43 1.02
C GLN A 428 17.30 12.22 0.73
N TYR A 429 17.40 13.54 0.69
CA TYR A 429 16.28 14.37 0.21
C TYR A 429 16.04 13.92 -1.22
N PRO A 430 14.80 13.51 -1.61
CA PRO A 430 14.55 13.00 -2.95
C PRO A 430 14.93 13.92 -4.10
N SER A 431 15.74 13.39 -5.03
CA SER A 431 16.22 14.12 -6.21
C SER A 431 15.08 14.27 -7.23
N ASP A 432 14.07 13.41 -7.16
CA ASP A 432 12.95 13.36 -8.11
C ASP A 432 11.68 13.26 -7.28
N LEU A 433 10.89 14.33 -7.25
CA LEU A 433 9.62 14.42 -6.49
C LEU A 433 8.44 14.34 -7.46
N SER A 434 8.63 13.67 -8.62
CA SER A 434 7.54 13.30 -9.56
C SER A 434 6.46 12.51 -8.81
N ALA A 435 5.19 12.73 -9.14
CA ALA A 435 4.01 12.03 -8.62
C ALA A 435 3.31 11.29 -9.74
N SER A 436 2.74 10.15 -9.42
CA SER A 436 1.98 9.40 -10.44
C SER A 436 0.84 8.61 -9.83
N VAL A 437 -0.20 8.46 -10.60
CA VAL A 437 -1.34 7.59 -10.21
C VAL A 437 -0.79 6.18 -10.01
N PHE A 438 -0.03 5.72 -10.97
CA PHE A 438 0.46 4.34 -11.08
C PHE A 438 1.98 4.43 -11.31
N THR A 439 2.73 3.65 -10.56
CA THR A 439 4.20 3.55 -10.66
C THR A 439 4.63 2.10 -10.69
N THR A 440 5.69 1.77 -11.49
CA THR A 440 6.42 0.50 -11.43
C THR A 440 7.83 0.75 -10.87
N TRP A 441 8.22 -0.06 -9.86
CA TRP A 441 9.57 -0.05 -9.26
C TRP A 441 10.10 -1.48 -9.21
N LEU A 442 11.41 -1.62 -9.29
CA LEU A 442 12.12 -2.92 -9.31
C LEU A 442 12.65 -3.24 -7.92
N GLU A 443 12.33 -4.43 -7.42
CA GLU A 443 12.87 -4.96 -6.16
C GLU A 443 14.16 -5.70 -6.52
N GLY A 444 15.24 -5.33 -5.81
CA GLY A 444 16.60 -5.94 -5.92
C GLY A 444 17.30 -5.74 -7.27
N ASP A 445 18.08 -6.73 -7.74
CA ASP A 445 19.12 -6.49 -8.78
C ASP A 445 18.50 -6.31 -10.15
N THR A 446 19.07 -5.48 -11.02
CA THR A 446 18.68 -5.42 -12.45
C THR A 446 19.19 -6.71 -13.12
N VAL A 447 18.44 -7.24 -14.07
CA VAL A 447 18.86 -8.33 -14.98
C VAL A 447 19.07 -7.68 -16.34
N PRO A 448 20.28 -7.75 -16.96
CA PRO A 448 20.52 -7.08 -18.24
C PRO A 448 19.53 -7.56 -19.30
N ASN A 449 18.95 -6.60 -20.05
CA ASN A 449 17.93 -6.81 -21.13
C ASN A 449 16.57 -7.27 -20.61
N VAL A 450 16.35 -7.35 -19.30
CA VAL A 450 15.01 -7.74 -18.76
C VAL A 450 14.48 -6.49 -18.05
N ASN A 451 13.81 -5.66 -18.81
CA ASN A 451 13.36 -4.29 -18.40
C ASN A 451 11.97 -4.30 -17.75
N TYR A 452 11.24 -5.40 -17.85
CA TYR A 452 9.81 -5.52 -17.43
C TYR A 452 9.74 -6.28 -16.10
N LEU A 453 8.66 -6.03 -15.41
CA LEU A 453 8.25 -6.69 -14.15
C LEU A 453 7.39 -7.93 -14.45
N ALA A 454 7.07 -8.67 -13.40
CA ALA A 454 6.30 -9.93 -13.41
C ALA A 454 5.00 -9.74 -14.20
N GLU A 455 4.66 -10.77 -14.94
CA GLU A 455 3.57 -10.80 -15.91
C GLU A 455 2.25 -10.56 -15.17
N VAL A 456 1.43 -9.71 -15.74
CA VAL A 456 0.02 -9.58 -15.31
C VAL A 456 -0.82 -10.45 -16.20
N LEU A 457 -1.50 -11.41 -15.63
CA LEU A 457 -2.26 -12.41 -16.43
C LEU A 457 -3.68 -11.90 -16.80
N ASP A 458 -4.43 -11.21 -15.91
CA ASP A 458 -5.79 -10.68 -16.26
C ASP A 458 -5.72 -9.14 -16.34
N HIS A 459 -5.50 -8.49 -15.20
CA HIS A 459 -5.47 -6.99 -15.18
C HIS A 459 -4.88 -6.46 -13.90
N ILE A 460 -4.26 -5.29 -14.03
CA ILE A 460 -4.22 -4.24 -12.98
C ILE A 460 -5.27 -3.21 -13.33
N LEU A 461 -6.41 -3.27 -12.66
CA LEU A 461 -7.66 -2.55 -13.06
C LEU A 461 -7.83 -1.38 -12.12
N MET A 462 -7.58 -0.19 -12.63
CA MET A 462 -7.82 1.09 -11.90
C MET A 462 -9.11 1.71 -12.45
N LYS A 463 -10.13 1.74 -11.65
CA LYS A 463 -11.48 2.07 -12.16
C LYS A 463 -12.14 2.95 -11.18
N GLY A 464 -12.87 3.99 -11.58
CA GLY A 464 -13.80 4.62 -10.61
C GLY A 464 -13.19 5.51 -9.54
N ASN A 465 -11.89 5.78 -9.61
CA ASN A 465 -11.18 6.60 -8.66
C ASN A 465 -11.34 8.07 -9.01
N THR A 466 -10.98 8.83 -8.08
CA THR A 466 -10.81 10.26 -8.22
C THR A 466 -9.35 10.62 -7.90
N PHE A 467 -8.67 11.22 -8.84
CA PHE A 467 -7.21 11.58 -8.71
C PHE A 467 -7.08 13.08 -8.91
N THR A 468 -6.91 13.78 -7.83
CA THR A 468 -6.84 15.29 -7.84
C THR A 468 -5.46 15.71 -7.41
N ALA A 469 -4.70 16.35 -8.25
CA ALA A 469 -3.42 16.97 -7.85
C ALA A 469 -3.66 18.40 -7.39
N SER A 470 -2.96 18.77 -6.36
CA SER A 470 -2.90 20.16 -5.88
C SER A 470 -2.36 21.05 -6.98
N THR A 471 -2.86 22.29 -6.99
CA THR A 471 -2.26 23.38 -7.79
C THR A 471 -0.73 23.44 -7.66
N GLY A 472 -0.21 23.41 -6.44
CA GLY A 472 1.23 23.59 -6.26
C GLY A 472 2.01 22.41 -6.80
N ILE A 473 1.54 21.17 -6.65
CA ILE A 473 2.31 20.01 -7.20
C ILE A 473 2.23 20.05 -8.74
N LEU A 474 1.09 20.40 -9.29
CA LEU A 474 0.94 20.50 -10.78
C LEU A 474 1.90 21.51 -11.35
N GLN A 475 2.17 22.60 -10.63
CA GLN A 475 3.09 23.67 -11.09
C GLN A 475 4.52 23.12 -10.99
N ASN A 476 4.90 22.44 -9.89
CA ASN A 476 6.32 22.26 -9.47
C ASN A 476 6.81 20.88 -9.90
N GLN A 477 5.94 19.90 -10.22
CA GLN A 477 6.41 18.53 -10.53
C GLN A 477 5.75 18.01 -11.80
N LEU A 478 6.28 16.95 -12.38
CA LEU A 478 5.52 16.02 -13.27
C LEU A 478 4.54 15.19 -12.45
N VAL A 479 3.25 15.20 -12.85
CA VAL A 479 2.13 14.45 -12.24
C VAL A 479 1.48 13.62 -13.34
N SER A 480 1.87 12.36 -13.38
CA SER A 480 1.52 11.40 -14.47
C SER A 480 0.43 10.40 -14.05
N ILE A 481 -0.13 9.75 -15.04
CA ILE A 481 -1.02 8.59 -14.86
C ILE A 481 -0.17 7.33 -14.64
N PHE A 482 0.85 7.14 -15.46
CA PHE A 482 1.78 5.99 -15.48
C PHE A 482 3.18 6.55 -15.29
N ARG A 483 3.95 5.99 -14.37
CA ARG A 483 5.40 6.21 -14.25
C ARG A 483 6.20 4.93 -14.17
N PHE A 484 7.32 4.86 -14.91
CA PHE A 484 8.17 3.66 -15.06
C PHE A 484 9.52 4.07 -14.48
N VAL A 485 9.88 3.53 -13.31
CA VAL A 485 11.11 3.89 -12.59
C VAL A 485 12.11 2.70 -12.70
N GLY A 486 12.88 2.65 -13.77
CA GLY A 486 13.94 1.62 -13.93
C GLY A 486 13.37 0.28 -14.29
N CYS A 487 12.08 0.25 -14.67
CA CYS A 487 11.35 -0.98 -15.03
C CYS A 487 9.96 -0.53 -15.54
N TYR A 488 9.19 -1.41 -16.12
CA TYR A 488 7.81 -1.09 -16.51
C TYR A 488 7.07 -2.41 -16.52
N VAL A 489 5.79 -2.34 -16.78
CA VAL A 489 4.87 -3.52 -16.87
C VAL A 489 4.36 -3.61 -18.30
N ARG A 490 4.53 -4.78 -18.92
CA ARG A 490 4.15 -4.88 -20.35
C ARG A 490 2.65 -5.10 -20.49
N GLU A 491 2.01 -5.80 -19.59
CA GLU A 491 0.68 -6.46 -19.86
C GLU A 491 -0.47 -5.82 -19.04
N ASN A 492 -1.61 -5.61 -19.69
CA ASN A 492 -2.93 -5.69 -19.01
C ASN A 492 -3.10 -4.62 -17.93
N VAL A 493 -2.48 -3.47 -18.09
CA VAL A 493 -2.88 -2.26 -17.33
C VAL A 493 -4.19 -1.66 -17.84
N LYS A 494 -5.18 -1.52 -16.98
CA LYS A 494 -6.55 -1.08 -17.37
C LYS A 494 -6.89 0.16 -16.53
N PHE A 495 -7.02 1.28 -17.19
CA PHE A 495 -7.33 2.57 -16.54
C PHE A 495 -8.68 3.04 -17.08
N ILE A 496 -9.73 2.89 -16.34
CA ILE A 496 -11.14 2.93 -16.84
C ILE A 496 -11.99 3.79 -15.90
N GLY A 497 -12.65 4.77 -16.43
CA GLY A 497 -13.74 5.44 -15.68
C GLY A 497 -13.29 6.27 -14.45
N ASN A 498 -12.07 6.80 -14.51
CA ASN A 498 -11.46 7.62 -13.44
C ASN A 498 -11.66 9.08 -13.75
N THR A 499 -11.71 9.85 -12.72
CA THR A 499 -11.66 11.35 -12.76
C THR A 499 -10.23 11.75 -12.41
N VAL A 500 -9.53 12.48 -13.29
CA VAL A 500 -8.04 12.64 -13.22
C VAL A 500 -7.59 14.10 -13.41
N ARG A 501 -6.96 14.71 -12.44
CA ARG A 501 -6.23 15.98 -12.69
C ARG A 501 -4.73 15.73 -12.65
N VAL A 502 -4.04 15.84 -13.77
CA VAL A 502 -2.58 15.52 -13.96
C VAL A 502 -2.01 16.47 -15.02
N ASN A 503 -0.71 16.51 -15.22
CA ASN A 503 -0.04 17.36 -16.22
C ASN A 503 0.74 16.58 -17.29
N THR A 504 0.61 15.25 -17.31
CA THR A 504 1.22 14.42 -18.36
C THR A 504 0.58 13.04 -18.19
N ILE A 505 0.78 12.18 -19.16
CA ILE A 505 0.17 10.80 -19.16
C ILE A 505 1.27 9.83 -18.68
N LEU A 506 2.45 9.85 -19.27
CA LEU A 506 3.50 8.85 -18.98
C LEU A 506 4.72 9.65 -18.53
N ASN A 507 5.29 9.28 -17.40
CA ASN A 507 6.67 9.64 -17.03
C ASN A 507 7.52 8.37 -17.08
N ARG A 508 8.48 8.29 -17.98
CA ARG A 508 9.31 7.06 -18.11
C ARG A 508 10.76 7.38 -17.83
N ASP A 509 11.35 6.55 -16.98
CA ASP A 509 12.81 6.45 -16.76
C ASP A 509 13.18 4.97 -16.88
N VAL A 510 13.11 4.40 -18.08
CA VAL A 510 13.36 2.95 -18.32
C VAL A 510 13.92 2.73 -19.74
N SER A 511 14.82 1.79 -19.92
CA SER A 511 15.15 1.30 -21.29
C SER A 511 14.15 0.23 -21.72
N THR A 512 13.68 0.30 -22.95
CA THR A 512 12.73 -0.63 -23.57
C THR A 512 13.27 -0.90 -24.97
N GLY A 513 14.59 -1.15 -25.10
CA GLY A 513 15.34 -1.25 -26.36
C GLY A 513 15.35 -2.62 -27.00
N THR A 514 14.76 -3.65 -26.36
CA THR A 514 14.91 -5.07 -26.76
C THR A 514 13.70 -5.51 -27.56
N THR A 515 13.83 -6.65 -28.21
CA THR A 515 12.74 -7.29 -28.99
C THR A 515 11.61 -7.82 -28.07
N ASN A 516 11.84 -7.86 -26.76
CA ASN A 516 10.88 -8.29 -25.70
C ASN A 516 10.15 -7.11 -25.03
N ASP A 517 10.40 -5.88 -25.46
CA ASP A 517 9.75 -4.70 -24.85
C ASP A 517 8.52 -4.37 -25.69
N TYR A 518 7.36 -4.43 -25.08
CA TYR A 518 6.09 -4.13 -25.73
C TYR A 518 5.06 -3.77 -24.70
N PHE A 519 3.96 -3.19 -25.16
CA PHE A 519 2.69 -3.24 -24.40
C PHE A 519 1.80 -4.29 -25.00
N LYS A 520 1.14 -5.08 -24.17
CA LYS A 520 0.06 -6.01 -24.63
C LYS A 520 -1.17 -5.86 -23.74
N GLY A 521 -2.32 -5.56 -24.31
CA GLY A 521 -3.60 -5.69 -23.61
C GLY A 521 -3.90 -4.53 -22.72
N TRP A 522 -3.20 -3.39 -22.87
CA TRP A 522 -3.57 -2.17 -22.11
C TRP A 522 -4.98 -1.71 -22.49
N VAL A 523 -5.69 -1.15 -21.55
CA VAL A 523 -7.00 -0.50 -21.84
C VAL A 523 -7.00 0.84 -21.16
N VAL A 524 -7.11 1.90 -21.92
CA VAL A 524 -7.34 3.25 -21.36
C VAL A 524 -8.62 3.76 -21.99
N THR A 525 -9.68 3.98 -21.21
CA THR A 525 -10.95 4.48 -21.79
C THR A 525 -11.89 5.02 -20.72
N GLY A 526 -12.79 5.89 -21.10
CA GLY A 526 -13.90 6.36 -20.22
C GLY A 526 -13.43 7.29 -19.11
N ASN A 527 -12.21 7.81 -19.16
CA ASN A 527 -11.73 8.72 -18.09
C ASN A 527 -12.18 10.15 -18.37
N ASN A 528 -12.28 10.89 -17.29
CA ASN A 528 -12.63 12.34 -17.30
C ASN A 528 -11.35 13.07 -16.90
N TYR A 529 -10.81 13.87 -17.78
CA TYR A 529 -9.47 14.53 -17.70
C TYR A 529 -9.62 16.03 -17.38
N ASP A 530 -8.93 16.53 -16.36
CA ASP A 530 -8.62 17.98 -16.21
C ASP A 530 -7.14 18.12 -16.58
N PHE A 531 -6.86 18.61 -17.79
CA PHE A 531 -5.50 18.85 -18.33
C PHE A 531 -5.21 20.38 -18.38
N SER A 532 -5.88 21.13 -17.50
CA SER A 532 -5.79 22.60 -17.45
C SER A 532 -4.40 23.04 -17.04
N MET A 533 -3.56 22.19 -16.45
CA MET A 533 -2.14 22.54 -16.17
C MET A 533 -1.20 21.53 -16.84
N PHE A 534 -1.58 21.07 -18.05
CA PHE A 534 -0.79 20.10 -18.86
C PHE A 534 0.61 20.68 -19.04
N ARG A 535 1.66 19.87 -18.97
CA ARG A 535 3.04 20.42 -19.05
C ARG A 535 3.23 20.95 -20.48
N ASN A 536 3.83 22.12 -20.60
CA ASN A 536 4.21 22.67 -21.94
C ASN A 536 5.42 21.91 -22.47
N GLN A 537 5.56 21.80 -23.78
CA GLN A 537 6.75 21.22 -24.46
C GLN A 537 7.06 19.82 -23.93
N ARG A 538 6.02 19.04 -23.79
CA ARG A 538 6.11 17.63 -23.33
C ARG A 538 4.95 16.86 -23.98
N HIS A 539 5.29 15.78 -24.68
CA HIS A 539 4.34 14.76 -25.22
C HIS A 539 3.55 14.17 -24.05
N GLY A 540 2.26 13.81 -24.23
CA GLY A 540 1.56 13.15 -23.10
C GLY A 540 2.16 11.80 -22.82
N LEU A 541 2.29 10.98 -23.85
CA LEU A 541 2.80 9.57 -23.76
C LEU A 541 3.70 9.37 -24.94
N TRP A 542 5.02 9.23 -24.69
CA TRP A 542 6.04 9.06 -25.77
C TRP A 542 6.93 7.92 -25.34
N ILE A 543 6.87 6.81 -26.05
CA ILE A 543 7.69 5.61 -25.74
C ILE A 543 8.15 4.88 -27.01
N PHE A 544 9.36 4.30 -26.94
CA PHE A 544 10.02 3.53 -28.02
C PHE A 544 9.94 2.05 -27.61
N LEU A 545 9.09 1.31 -28.28
CA LEU A 545 8.91 -0.15 -28.02
C LEU A 545 9.15 -0.96 -29.27
N GLU A 546 9.20 -2.27 -29.11
CA GLU A 546 9.32 -3.22 -30.25
C GLU A 546 7.97 -3.23 -30.96
N TYR A 547 6.89 -3.17 -30.18
CA TYR A 547 5.50 -3.14 -30.72
C TYR A 547 4.53 -2.85 -29.59
N ILE A 548 3.27 -2.64 -29.97
CA ILE A 548 2.13 -2.76 -29.03
C ILE A 548 1.13 -3.68 -29.65
N SER A 549 0.47 -4.45 -28.83
CA SER A 549 -0.44 -5.52 -29.27
C SER A 549 -1.70 -5.49 -28.46
N GLY A 550 -2.86 -5.64 -29.11
CA GLY A 550 -4.18 -5.80 -28.44
C GLY A 550 -4.40 -4.70 -27.43
N CYS A 551 -3.93 -3.51 -27.74
CA CYS A 551 -4.12 -2.31 -26.88
C CYS A 551 -5.29 -1.42 -27.32
N VAL A 552 -5.94 -0.82 -26.35
CA VAL A 552 -6.95 0.26 -26.55
C VAL A 552 -6.50 1.50 -25.82
N PHE A 553 -6.29 2.59 -26.54
CA PHE A 553 -5.89 3.90 -25.98
C PHE A 553 -6.91 4.90 -26.44
N ASP A 554 -7.98 5.08 -25.67
CA ASP A 554 -9.13 5.89 -26.02
C ASP A 554 -9.11 7.09 -25.08
N PHE A 555 -8.77 8.29 -25.57
CA PHE A 555 -8.69 9.55 -24.81
C PHE A 555 -9.79 10.49 -25.29
N ASN A 556 -10.90 10.58 -24.55
CA ASN A 556 -12.04 11.49 -24.79
C ASN A 556 -11.92 12.65 -23.82
N ILE A 557 -11.40 13.77 -24.28
CA ILE A 557 -11.00 14.89 -23.40
C ILE A 557 -12.01 16.03 -23.47
N LYS A 558 -12.50 16.46 -22.33
CA LYS A 558 -13.33 17.69 -22.20
C LYS A 558 -12.62 18.50 -21.15
N SER A 559 -11.67 19.31 -21.54
CA SER A 559 -10.80 20.05 -20.59
C SER A 559 -10.41 21.39 -21.15
N ARG A 560 -10.21 22.33 -20.24
CA ARG A 560 -9.36 23.49 -20.59
C ARG A 560 -7.93 22.96 -20.75
N PHE A 561 -7.12 23.71 -21.47
CA PHE A 561 -5.66 23.51 -21.59
C PHE A 561 -4.98 24.83 -21.40
N PRO A 562 -3.69 24.81 -21.02
CA PRO A 562 -2.88 26.02 -21.10
C PRO A 562 -2.50 26.24 -22.59
N THR A 563 -1.71 27.30 -22.85
CA THR A 563 -1.21 27.64 -24.20
C THR A 563 0.02 26.76 -24.36
N LEU A 564 -0.14 25.72 -25.15
CA LEU A 564 0.95 24.78 -25.38
C LEU A 564 1.64 25.16 -26.67
N ASP A 565 2.89 24.71 -26.79
CA ASP A 565 3.59 24.60 -28.07
C ASP A 565 2.75 23.60 -28.87
N LYS A 566 2.35 23.93 -30.10
CA LYS A 566 1.36 23.12 -30.84
C LYS A 566 2.05 21.96 -31.59
N THR A 567 3.39 21.83 -31.55
CA THR A 567 4.20 20.78 -32.26
C THR A 567 4.29 19.47 -31.46
N TYR A 568 3.91 19.42 -30.19
CA TYR A 568 3.96 18.14 -29.42
C TYR A 568 2.64 17.35 -29.58
N ASN A 569 2.66 16.09 -29.15
CA ASN A 569 1.59 15.10 -29.33
C ASN A 569 1.01 14.72 -27.98
N LEU A 570 -0.28 14.39 -27.92
CA LEU A 570 -0.81 13.68 -26.74
C LEU A 570 -0.15 12.30 -26.67
N VAL A 571 -0.18 11.54 -27.76
CA VAL A 571 0.35 10.14 -27.80
C VAL A 571 1.37 10.06 -28.91
N ASN A 572 2.53 9.46 -28.65
CA ASN A 572 3.55 9.23 -29.68
C ASN A 572 4.21 7.89 -29.41
N PHE A 573 3.88 6.89 -30.21
CA PHE A 573 4.48 5.55 -30.19
C PHE A 573 5.52 5.45 -31.27
N VAL A 574 6.76 5.22 -30.88
CA VAL A 574 7.81 4.72 -31.83
C VAL A 574 7.90 3.19 -31.67
N LEU A 575 7.67 2.50 -32.75
CA LEU A 575 7.47 1.03 -32.75
C LEU A 575 8.40 0.44 -33.79
N ARG A 576 9.36 -0.35 -33.36
CA ARG A 576 10.51 -0.81 -34.19
C ARG A 576 10.11 -1.96 -35.14
N ASP A 577 9.11 -2.75 -34.82
CA ASP A 577 8.70 -3.93 -35.63
C ASP A 577 7.18 -3.90 -35.92
N LYS A 578 6.84 -3.28 -37.02
CA LYS A 578 5.45 -3.01 -37.41
C LYS A 578 4.78 -4.36 -37.68
N SER A 579 5.56 -5.38 -38.07
CA SER A 579 4.96 -6.70 -38.34
C SER A 579 4.33 -7.25 -37.05
N LYS A 580 4.75 -6.81 -35.86
CA LYS A 580 4.20 -7.33 -34.58
C LYS A 580 3.17 -6.38 -33.98
N VAL A 581 2.95 -5.21 -34.62
CA VAL A 581 1.94 -4.21 -34.14
C VAL A 581 0.57 -4.69 -34.61
N VAL A 582 -0.18 -5.29 -33.73
CA VAL A 582 -1.47 -5.94 -34.11
C VAL A 582 -2.58 -5.56 -33.12
N ASP A 583 -3.82 -5.59 -33.64
CA ASP A 583 -5.06 -5.62 -32.83
C ASP A 583 -5.18 -4.36 -31.98
N ASN A 584 -4.73 -3.21 -32.41
CA ASN A 584 -4.70 -1.99 -31.56
C ASN A 584 -5.79 -1.03 -31.99
N THR A 585 -6.34 -0.31 -31.04
CA THR A 585 -7.20 0.87 -31.31
C THR A 585 -6.61 2.07 -30.60
N ILE A 586 -6.42 3.15 -31.33
CA ILE A 586 -6.09 4.47 -30.77
C ILE A 586 -7.21 5.40 -31.18
N ASN A 587 -7.85 6.06 -30.23
CA ASN A 587 -9.00 6.94 -30.48
C ASN A 587 -8.77 8.18 -29.62
N ILE A 588 -8.49 9.31 -30.21
CA ILE A 588 -8.25 10.60 -29.49
C ILE A 588 -9.33 11.53 -29.92
N ASP A 589 -10.12 11.95 -28.98
CA ASP A 589 -11.23 12.90 -29.23
C ASP A 589 -10.99 14.09 -28.32
N PRO A 590 -10.32 15.16 -28.76
CA PRO A 590 -10.12 16.36 -27.93
C PRO A 590 -11.34 17.29 -27.85
N ASN A 591 -12.51 16.87 -28.40
CA ASN A 591 -13.76 17.67 -28.38
C ASN A 591 -13.39 19.10 -28.76
N GLY A 592 -13.87 20.13 -28.03
CA GLY A 592 -13.64 21.54 -28.36
C GLY A 592 -12.20 21.99 -28.31
N SER A 593 -11.29 21.17 -27.76
CA SER A 593 -9.84 21.54 -27.64
C SER A 593 -9.01 21.17 -28.88
N TYR A 594 -9.64 20.78 -30.00
CA TYR A 594 -8.98 20.24 -31.22
C TYR A 594 -7.78 21.10 -31.65
N ALA A 595 -7.90 22.42 -31.52
CA ALA A 595 -6.86 23.36 -32.01
C ALA A 595 -5.64 23.47 -31.10
N VAL A 596 -5.63 22.87 -29.89
CA VAL A 596 -4.53 23.05 -28.92
C VAL A 596 -3.22 22.46 -29.45
N LEU A 597 -3.30 21.31 -30.13
CA LEU A 597 -2.12 20.63 -30.74
C LEU A 597 -2.40 20.43 -32.23
N ASP A 598 -1.37 20.56 -33.04
CA ASP A 598 -1.53 20.41 -34.52
C ASP A 598 -1.81 18.94 -34.80
N SER A 599 -1.14 18.01 -34.12
CA SER A 599 -1.31 16.56 -34.36
C SER A 599 -1.47 15.88 -32.98
N TRP A 600 -2.67 15.41 -32.66
CA TRP A 600 -2.91 14.73 -31.35
C TRP A 600 -2.04 13.47 -31.30
N LEU A 601 -1.93 12.73 -32.38
CA LEU A 601 -1.16 11.48 -32.52
C LEU A 601 0.11 11.77 -33.33
N GLY A 602 1.25 11.38 -32.79
CA GLY A 602 2.56 11.39 -33.44
C GLY A 602 3.12 9.98 -33.58
N GLY A 603 4.25 9.87 -34.23
CA GLY A 603 5.04 8.63 -34.31
C GLY A 603 4.70 7.70 -35.44
N ASP A 604 5.09 6.44 -35.30
CA ASP A 604 5.10 5.48 -36.43
C ASP A 604 3.72 5.16 -36.98
N PHE A 605 2.62 5.17 -36.21
CA PHE A 605 1.28 4.92 -36.84
C PHE A 605 1.03 5.91 -37.98
N LEU A 606 1.63 7.12 -37.97
CA LEU A 606 1.42 8.14 -39.03
C LEU A 606 1.92 7.63 -40.38
N THR A 607 2.76 6.57 -40.41
CA THR A 607 3.42 6.05 -41.64
C THR A 607 2.74 4.77 -42.13
N TYR A 608 1.73 4.26 -41.42
CA TYR A 608 1.15 2.93 -41.70
C TYR A 608 0.32 2.98 -42.95
N THR A 609 0.67 2.06 -43.84
CA THR A 609 -0.16 1.73 -45.03
C THR A 609 -1.27 0.75 -44.65
N ALA A 610 -2.15 0.48 -45.61
CA ALA A 610 -3.29 -0.45 -45.42
C ALA A 610 -2.80 -1.78 -44.87
N THR A 611 -1.64 -2.29 -45.33
CA THR A 611 -1.09 -3.60 -44.89
C THR A 611 -0.78 -3.57 -43.38
N ASP A 612 -0.27 -2.42 -42.91
CA ASP A 612 0.21 -2.19 -41.51
C ASP A 612 -0.93 -1.86 -40.54
N MET A 613 -2.00 -1.28 -41.05
CA MET A 613 -3.12 -0.69 -40.28
C MET A 613 -4.28 -1.71 -40.28
N GLY A 614 -5.29 -1.67 -41.16
CA GLY A 614 -6.36 -2.70 -41.15
C GLY A 614 -5.90 -4.11 -41.47
N GLY A 615 -4.80 -4.28 -42.20
CA GLY A 615 -4.21 -5.59 -42.53
C GLY A 615 -3.77 -6.32 -41.28
N ARG A 616 -3.47 -5.57 -40.20
CA ARG A 616 -3.06 -6.18 -38.88
C ARG A 616 -4.06 -5.79 -37.81
N ASN A 617 -5.25 -5.35 -38.16
CA ASN A 617 -6.38 -5.10 -37.22
C ASN A 617 -5.97 -3.97 -36.29
N ASN A 618 -5.32 -2.97 -36.85
CA ASN A 618 -5.02 -1.67 -36.19
C ASN A 618 -6.02 -0.67 -36.72
N HIS A 619 -6.55 0.17 -35.83
CA HIS A 619 -7.55 1.20 -36.17
C HIS A 619 -7.22 2.46 -35.42
N ILE A 620 -7.29 3.59 -36.10
CA ILE A 620 -6.89 4.89 -35.52
C ILE A 620 -8.05 5.85 -35.78
N GLN A 621 -8.39 6.63 -34.77
CA GLN A 621 -9.24 7.83 -34.95
C GLN A 621 -8.57 8.95 -34.20
N SER A 622 -8.26 10.01 -34.88
CA SER A 622 -7.53 11.11 -34.23
C SER A 622 -7.89 12.44 -34.92
N VAL A 623 -7.24 13.51 -34.52
CA VAL A 623 -7.56 14.88 -34.97
C VAL A 623 -6.26 15.56 -35.37
N ALA A 624 -6.29 16.28 -36.49
CA ALA A 624 -5.07 16.98 -36.92
C ALA A 624 -5.42 18.21 -37.72
N PHE A 625 -4.47 19.15 -37.67
CA PHE A 625 -4.56 20.41 -38.42
C PHE A 625 -3.93 20.12 -39.76
N VAL A 626 -4.63 20.36 -40.88
CA VAL A 626 -4.14 19.92 -42.21
C VAL A 626 -4.28 21.04 -43.25
N TYR A 627 -3.35 21.01 -44.17
CA TYR A 627 -3.43 21.73 -45.48
C TYR A 627 -4.46 21.04 -46.38
N ILE A 628 -5.37 21.86 -46.94
CA ILE A 628 -6.25 21.40 -48.03
C ILE A 628 -5.98 22.31 -49.24
N ASN A 629 -5.59 21.67 -50.35
CA ASN A 629 -5.48 22.30 -51.69
C ASN A 629 -6.89 22.44 -52.25
N GLU A 630 -7.32 23.65 -52.60
CA GLU A 630 -8.56 23.88 -53.35
C GLU A 630 -8.24 24.39 -54.78
N THR A 631 -8.60 23.61 -55.80
CA THR A 631 -8.38 23.96 -57.24
C THR A 631 -9.73 24.13 -57.94
N ARG A 632 -9.83 25.20 -58.71
CA ARG A 632 -11.06 25.51 -59.46
C ARG A 632 -10.69 25.73 -60.92
N ARG A 633 -11.45 25.15 -61.86
CA ARG A 633 -11.20 25.36 -63.32
C ARG A 633 -12.18 26.45 -63.83
N LYS A 634 -11.68 27.36 -64.70
CA LYS A 634 -12.48 28.26 -65.56
C LYS A 634 -13.66 27.45 -66.12
N ASP A 635 -14.88 28.00 -65.99
CA ASP A 635 -16.15 27.51 -66.58
C ASP A 635 -16.62 26.24 -65.86
N SER A 636 -16.00 25.81 -64.75
CA SER A 636 -16.47 24.67 -63.93
C SER A 636 -17.29 25.17 -62.75
N VAL A 637 -18.20 24.35 -62.22
CA VAL A 637 -18.83 24.62 -60.88
C VAL A 637 -18.17 23.72 -59.81
N PHE A 638 -17.09 22.99 -60.10
CA PHE A 638 -16.49 22.03 -59.13
C PHE A 638 -15.20 22.62 -58.58
N ALA A 639 -14.97 22.52 -57.27
CA ALA A 639 -13.70 22.93 -56.61
C ALA A 639 -13.14 21.64 -55.98
N LYS A 640 -12.10 21.07 -56.59
CA LYS A 640 -11.45 19.84 -56.13
C LYS A 640 -10.64 20.17 -54.86
N MET A 641 -10.86 19.40 -53.78
CA MET A 641 -10.27 19.70 -52.47
C MET A 641 -9.47 18.47 -52.05
N GLY A 642 -8.16 18.68 -51.76
CA GLY A 642 -7.17 17.60 -51.56
C GLY A 642 -6.45 17.80 -50.25
N VAL A 643 -6.57 16.86 -49.33
CA VAL A 643 -5.89 16.97 -48.00
C VAL A 643 -4.43 16.45 -48.10
N GLN A 644 -3.48 17.28 -47.71
CA GLN A 644 -2.03 16.90 -47.71
C GLN A 644 -1.48 17.12 -46.32
N SER A 645 -1.02 16.05 -45.68
CA SER A 645 -0.49 16.15 -44.30
C SER A 645 0.29 14.90 -43.91
N GLY A 646 1.54 15.06 -43.47
CA GLY A 646 2.32 14.00 -42.81
C GLY A 646 1.67 13.53 -41.48
N SER A 647 0.63 14.20 -40.97
CA SER A 647 -0.14 13.77 -39.77
C SER A 647 -1.20 12.72 -40.10
N ILE A 648 -1.64 12.57 -41.34
CA ILE A 648 -2.67 11.58 -41.73
C ILE A 648 -1.92 10.35 -42.28
N PRO A 649 -2.08 9.14 -41.75
CA PRO A 649 -1.51 7.94 -42.38
C PRO A 649 -2.02 7.68 -43.80
N PRO A 650 -1.21 7.05 -44.66
CA PRO A 650 -1.67 6.77 -46.01
C PRO A 650 -2.84 5.76 -45.99
N SER A 651 -3.09 5.08 -44.86
CA SER A 651 -4.17 4.12 -44.64
C SER A 651 -5.52 4.82 -44.37
N VAL A 652 -5.55 6.14 -44.22
CA VAL A 652 -6.80 6.89 -43.91
C VAL A 652 -7.95 6.43 -44.81
N ASN A 653 -9.11 6.19 -44.25
CA ASN A 653 -10.34 5.84 -45.00
C ASN A 653 -11.08 7.13 -45.32
N MET A 654 -11.23 7.97 -44.32
CA MET A 654 -12.07 9.17 -44.43
C MET A 654 -11.67 10.20 -43.39
N CYS A 655 -12.20 11.42 -43.52
CA CYS A 655 -12.18 12.45 -42.47
C CYS A 655 -13.48 13.26 -42.51
N SER A 656 -13.81 13.75 -41.35
CA SER A 656 -14.89 14.71 -41.14
C SER A 656 -14.18 16.04 -40.81
N VAL A 657 -14.71 17.14 -41.35
CA VAL A 657 -14.19 18.49 -41.08
C VAL A 657 -14.74 18.98 -39.73
N ILE A 658 -13.86 19.39 -38.82
CA ILE A 658 -14.27 19.98 -37.54
C ILE A 658 -14.46 21.49 -37.83
N GLU A 659 -13.45 22.08 -38.46
CA GLU A 659 -13.43 23.55 -38.70
C GLU A 659 -12.56 23.84 -39.90
N TYR A 660 -13.17 24.42 -40.93
CA TYR A 660 -12.41 25.18 -41.93
C TYR A 660 -11.96 26.50 -41.27
N THR A 661 -10.66 26.77 -41.17
CA THR A 661 -10.12 27.96 -40.47
C THR A 661 -10.25 29.23 -41.33
N ASN A 662 -10.44 29.11 -42.65
CA ASN A 662 -10.52 30.28 -43.56
C ASN A 662 -11.98 30.56 -43.93
N VAL A 663 -12.31 31.82 -44.14
CA VAL A 663 -13.52 32.23 -44.91
C VAL A 663 -13.28 31.71 -46.35
N MET A 664 -14.25 30.99 -46.91
CA MET A 664 -14.10 30.44 -48.28
C MET A 664 -15.24 31.02 -49.16
N LEU A 665 -15.46 30.49 -50.35
CA LEU A 665 -16.35 31.14 -51.35
C LEU A 665 -17.81 31.08 -50.88
N GLY A 666 -18.49 32.23 -50.94
CA GLY A 666 -19.92 32.38 -50.59
C GLY A 666 -20.83 31.52 -51.45
N THR A 667 -20.51 31.34 -52.73
CA THR A 667 -21.35 30.62 -53.74
C THR A 667 -21.07 29.14 -53.69
N VAL A 668 -20.19 28.65 -52.79
CA VAL A 668 -19.81 27.22 -52.81
C VAL A 668 -20.42 26.47 -51.61
N SER A 669 -20.98 25.27 -51.88
CA SER A 669 -21.35 24.21 -50.88
C SER A 669 -20.13 23.34 -50.63
N TYR A 670 -19.45 23.50 -49.50
CA TYR A 670 -18.16 22.84 -49.18
C TYR A 670 -18.48 21.49 -48.53
N PRO A 671 -17.69 20.43 -48.84
CA PRO A 671 -17.93 19.11 -48.29
C PRO A 671 -17.53 19.23 -46.81
N VAL A 672 -18.15 18.36 -46.06
CA VAL A 672 -17.81 18.24 -44.60
C VAL A 672 -17.17 16.90 -44.37
N GLY A 673 -17.23 15.96 -45.32
CA GLY A 673 -16.54 14.66 -45.27
C GLY A 673 -15.62 14.51 -46.45
N PHE A 674 -14.45 13.86 -46.30
CA PHE A 674 -13.55 13.45 -47.40
C PHE A 674 -13.32 11.95 -47.39
N ASN A 675 -13.30 11.37 -48.57
CA ASN A 675 -12.99 9.95 -48.77
C ASN A 675 -11.52 9.84 -49.13
N LYS A 676 -10.99 8.62 -49.02
CA LYS A 676 -9.62 8.25 -49.50
C LYS A 676 -9.48 8.70 -50.97
N ASP A 677 -8.37 9.31 -51.33
CA ASP A 677 -8.06 9.69 -52.75
C ASP A 677 -7.42 8.47 -53.42
N TYR A 678 -8.14 7.69 -54.24
CA TYR A 678 -7.54 6.45 -54.84
C TYR A 678 -6.34 6.78 -55.75
N SER A 679 -6.21 8.00 -56.27
CA SER A 679 -5.05 8.38 -57.11
C SER A 679 -3.79 8.47 -56.24
N ALA A 680 -3.95 8.67 -54.93
CA ALA A 680 -2.83 8.93 -54.01
C ALA A 680 -2.16 10.27 -54.35
N ALA A 681 -2.82 11.17 -55.10
CA ALA A 681 -2.28 12.56 -55.27
C ALA A 681 -2.32 13.25 -53.91
N TYR A 682 -3.42 13.02 -53.20
CA TYR A 682 -3.66 13.50 -51.81
C TYR A 682 -4.02 12.28 -50.96
N LYS A 683 -4.11 12.51 -49.65
CA LYS A 683 -4.56 11.46 -48.72
C LYS A 683 -6.06 11.24 -48.93
N LEU A 684 -6.76 12.36 -49.07
CA LEU A 684 -8.22 12.47 -48.99
C LEU A 684 -8.64 13.55 -49.99
N THR A 685 -9.77 13.32 -50.57
CA THR A 685 -10.26 14.24 -51.63
C THR A 685 -11.78 14.34 -51.52
N ALA A 686 -12.30 15.52 -51.80
CA ALA A 686 -13.74 15.80 -51.96
C ALA A 686 -13.86 16.89 -52.99
N THR A 687 -15.10 17.18 -53.35
CA THR A 687 -15.45 18.18 -54.38
C THR A 687 -16.56 19.09 -53.87
N ALA A 688 -16.27 20.39 -53.81
CA ALA A 688 -17.25 21.43 -53.48
C ALA A 688 -17.98 21.86 -54.76
N ILE A 689 -19.23 22.32 -54.62
CA ILE A 689 -20.06 22.69 -55.81
C ILE A 689 -20.43 24.17 -55.71
N ALA A 690 -20.22 24.91 -56.80
CA ALA A 690 -20.59 26.33 -56.94
C ALA A 690 -22.02 26.45 -57.50
N SER A 691 -22.64 27.57 -57.14
CA SER A 691 -23.95 28.10 -57.59
C SER A 691 -23.84 28.62 -59.04
N GLN A 692 -22.67 29.16 -59.39
CA GLN A 692 -22.36 29.77 -60.71
C GLN A 692 -20.96 29.28 -61.12
N PRO A 693 -20.64 29.06 -62.43
CA PRO A 693 -19.28 28.63 -62.79
C PRO A 693 -18.19 29.65 -62.40
N PHE A 694 -16.95 29.16 -62.22
CA PHE A 694 -15.77 30.00 -61.91
C PHE A 694 -15.34 30.76 -63.18
N LEU A 695 -15.06 32.04 -62.99
CA LEU A 695 -14.56 32.96 -64.07
C LEU A 695 -13.14 32.56 -64.52
N ASP A 696 -12.26 32.00 -63.66
CA ASP A 696 -10.90 31.61 -64.13
C ASP A 696 -10.27 30.51 -63.27
N ASP A 697 -9.13 30.03 -63.75
CA ASP A 697 -8.34 28.97 -63.08
C ASP A 697 -7.73 29.60 -61.81
N GLU A 698 -7.96 29.01 -60.62
CA GLU A 698 -7.38 29.55 -59.35
C GLU A 698 -7.13 28.40 -58.38
N THR A 699 -6.12 28.59 -57.52
CA THR A 699 -5.78 27.66 -56.40
C THR A 699 -6.02 28.43 -55.10
N SER A 700 -6.48 27.78 -54.06
CA SER A 700 -6.54 28.39 -52.71
C SER A 700 -5.80 27.45 -51.77
N ASP A 701 -5.02 28.03 -50.87
CA ASP A 701 -4.41 27.29 -49.75
C ASP A 701 -5.37 27.37 -48.58
N ARG A 702 -5.97 26.22 -48.23
CA ARG A 702 -6.92 26.12 -47.07
C ARG A 702 -6.24 25.33 -45.94
N PHE A 703 -6.73 25.56 -44.73
CA PHE A 703 -6.24 24.95 -43.46
C PHE A 703 -7.52 24.58 -42.70
N ALA A 704 -7.58 23.33 -42.24
CA ALA A 704 -8.75 22.81 -41.54
C ALA A 704 -8.29 21.91 -40.41
N TYR A 705 -9.11 21.83 -39.39
CA TYR A 705 -9.00 20.77 -38.39
C TYR A 705 -9.90 19.64 -38.87
N VAL A 706 -9.34 18.44 -38.93
CA VAL A 706 -10.09 17.24 -39.33
C VAL A 706 -10.00 16.14 -38.27
N HIS A 707 -11.09 15.37 -38.22
CA HIS A 707 -11.22 14.11 -37.48
C HIS A 707 -11.07 13.01 -38.52
N PHE A 708 -10.00 12.21 -38.46
CA PHE A 708 -9.75 11.14 -39.47
C PHE A 708 -9.83 9.78 -38.87
N LYS A 709 -10.10 8.81 -39.71
CA LYS A 709 -10.27 7.39 -39.33
C LYS A 709 -9.46 6.56 -40.29
N CYS A 710 -8.62 5.68 -39.77
CA CYS A 710 -7.96 4.59 -40.51
C CYS A 710 -8.38 3.23 -39.97
#